data_4GCZ
#
_entry.id   4GCZ
#
_cell.length_a   105.216
_cell.length_b   105.216
_cell.length_c   441.958
_cell.angle_alpha   90.000
_cell.angle_beta   90.000
_cell.angle_gamma   120.000
#
_symmetry.space_group_name_H-M   'P 65 2 2'
#
loop_
_entity.id
_entity.type
_entity.pdbx_description
1 polymer 'Blue-light photoreceptor, Sensor protein fixL'
2 non-polymer 'FLAVIN MONONUCLEOTIDE'
3 non-polymer "ADENOSINE-5'-DIPHOSPHATE"
4 non-polymer 'SULFATE ION'
5 water water
#
_entity_poly.entity_id   1
_entity_poly.type   'polypeptide(L)'
_entity_poly.pdbx_seq_one_letter_code
;(MSE)ASFQSFGIPGQLEVIKKALDHVRVGVVITDPALEDNPIVYVNQGFVQ(MSE)TGYETEEILGKNCRFLQGKHTDP
AEVDNIRTALQNKEPVTVQIQNYKKDGT(MSE)FWNELNIDP(MSE)EIEDKTYFVGIQNDITEHQQTQARLQELQSELV
HVSRLSA(MSE)GE(MSE)ASALAHELNQPLAAISNY(MSE)KGSRRLLAGSSDPNTPKVESALDRAAEQALRAGQIIRR
LRDFVARGESEKRVESLSKLIEEAGALGLAGAREQNVQLRFSLDPGADLVLADRVQIQQVLVNLFRNALEA(MSE)AQSQ
RRELVVTNTPAADD(MSE)IEVEVSDTGSGFQDDVIPNLFQTFFTTKDTG(MSE)GVGLSISRSIIEAHGGR(MSE)WAE
SNASGGATFRFTLPAADENLEHHHHHHHH
;
_entity_poly.pdbx_strand_id   A,B
#
loop_
_chem_comp.id
_chem_comp.type
_chem_comp.name
_chem_comp.formula
ADP non-polymer ADENOSINE-5'-DIPHOSPHATE 'C10 H15 N5 O10 P2'
FMN non-polymer 'FLAVIN MONONUCLEOTIDE' 'C17 H21 N4 O9 P'
SO4 non-polymer 'SULFATE ION' 'O4 S -2'
#
# COMPACT_ATOMS: atom_id res chain seq x y z
N GLY A 8 -33.11 -37.61 32.68
CA GLY A 8 -34.19 -37.97 31.76
C GLY A 8 -34.34 -36.95 30.63
N ILE A 9 -35.30 -37.20 29.74
CA ILE A 9 -35.54 -36.32 28.58
C ILE A 9 -35.70 -34.82 28.93
N PRO A 10 -36.59 -34.49 29.88
CA PRO A 10 -36.42 -33.13 30.42
C PRO A 10 -35.17 -33.17 31.30
N GLY A 11 -34.39 -32.10 31.34
CA GLY A 11 -33.07 -32.21 31.94
C GLY A 11 -32.07 -32.26 30.80
N GLN A 12 -32.26 -33.22 29.89
CA GLN A 12 -31.54 -33.21 28.63
C GLN A 12 -31.91 -31.95 27.85
N LEU A 13 -33.20 -31.63 27.80
CA LEU A 13 -33.65 -30.39 27.15
C LEU A 13 -33.00 -29.18 27.80
N GLU A 14 -32.97 -29.17 29.12
CA GLU A 14 -32.40 -28.04 29.87
C GLU A 14 -30.92 -27.86 29.60
N VAL A 15 -30.20 -28.97 29.41
CA VAL A 15 -28.77 -28.89 29.16
C VAL A 15 -28.49 -28.24 27.80
N ILE A 16 -29.18 -28.69 26.74
CA ILE A 16 -28.85 -28.15 25.42
C ILE A 16 -29.33 -26.70 25.20
N LYS A 17 -30.48 -26.33 25.76
CA LYS A 17 -30.92 -24.93 25.72
C LYS A 17 -29.89 -23.96 26.34
N LYS A 18 -29.37 -24.31 27.50
CA LYS A 18 -28.35 -23.49 28.13
C LYS A 18 -27.11 -23.44 27.25
N ALA A 19 -26.82 -24.54 26.56
CA ALA A 19 -25.69 -24.56 25.65
C ALA A 19 -25.95 -23.62 24.46
N LEU A 20 -27.17 -23.66 23.93
CA LEU A 20 -27.52 -22.78 22.82
C LEU A 20 -27.26 -21.30 23.17
N ASP A 21 -27.59 -20.91 24.40
CA ASP A 21 -27.37 -19.52 24.84
C ASP A 21 -25.90 -19.15 24.95
N HIS A 22 -25.01 -20.12 24.82
CA HIS A 22 -23.59 -19.84 24.88
C HIS A 22 -22.97 -19.76 23.49
N VAL A 23 -23.71 -20.18 22.47
CA VAL A 23 -23.19 -20.00 21.11
C VAL A 23 -23.42 -18.53 20.78
N ARG A 24 -22.50 -17.94 20.04
CA ARG A 24 -22.56 -16.50 19.88
C ARG A 24 -23.28 -16.07 18.61
N VAL A 25 -23.37 -16.97 17.63
CA VAL A 25 -24.25 -16.77 16.49
C VAL A 25 -25.69 -16.65 16.99
N GLY A 26 -26.50 -15.90 16.24
CA GLY A 26 -27.92 -15.80 16.53
C GLY A 26 -28.62 -17.06 16.05
N VAL A 27 -29.51 -17.58 16.88
CA VAL A 27 -30.35 -18.72 16.52
C VAL A 27 -31.81 -18.36 16.75
N VAL A 28 -32.63 -18.45 15.69
CA VAL A 28 -34.09 -18.38 15.87
C VAL A 28 -34.79 -19.61 15.29
N ILE A 29 -35.94 -19.95 15.87
CA ILE A 29 -36.82 -20.94 15.28
C ILE A 29 -38.17 -20.29 15.07
N THR A 30 -38.72 -20.45 13.87
CA THR A 30 -40.05 -19.93 13.56
C THR A 30 -41.04 -21.08 13.39
N ASP A 31 -42.31 -20.79 13.63
CA ASP A 31 -43.39 -21.77 13.50
C ASP A 31 -44.37 -21.28 12.43
N PRO A 32 -44.22 -21.78 11.20
CA PRO A 32 -45.04 -21.34 10.07
C PRO A 32 -46.53 -21.72 10.16
N ALA A 33 -46.90 -22.56 11.14
CA ALA A 33 -48.31 -22.89 11.35
C ALA A 33 -49.01 -21.75 12.08
N LEU A 34 -48.23 -20.82 12.62
CA LEU A 34 -48.80 -19.67 13.28
C LEU A 34 -48.79 -18.52 12.30
N GLU A 35 -49.80 -17.64 12.42
CA GLU A 35 -49.96 -16.50 11.53
C GLU A 35 -48.66 -15.71 11.35
N ASP A 36 -48.28 -15.50 10.09
CA ASP A 36 -47.08 -14.76 9.70
C ASP A 36 -45.73 -15.28 10.23
N ASN A 37 -45.65 -16.59 10.48
CA ASN A 37 -44.37 -17.27 10.74
C ASN A 37 -43.52 -16.67 11.87
N PRO A 38 -44.06 -16.61 13.09
CA PRO A 38 -43.35 -15.89 14.16
C PRO A 38 -42.19 -16.67 14.77
N ILE A 39 -41.23 -15.92 15.31
CA ILE A 39 -40.17 -16.48 16.13
C ILE A 39 -40.77 -17.06 17.42
N VAL A 40 -40.49 -18.33 17.69
CA VAL A 40 -40.97 -18.97 18.91
C VAL A 40 -39.81 -19.35 19.82
N TYR A 41 -38.59 -19.29 19.30
CA TYR A 41 -37.38 -19.47 20.11
C TYR A 41 -36.29 -18.54 19.65
N VAL A 42 -35.54 -17.97 20.60
CA VAL A 42 -34.37 -17.15 20.27
C VAL A 42 -33.30 -17.37 21.35
N ASN A 43 -32.03 -17.46 20.93
CA ASN A 43 -30.96 -17.68 21.90
C ASN A 43 -30.36 -16.35 22.34
N GLN A 44 -29.47 -16.41 23.32
CA GLN A 44 -28.86 -15.19 23.84
C GLN A 44 -27.95 -14.54 22.79
N GLY A 45 -27.47 -15.34 21.84
CA GLY A 45 -26.57 -14.82 20.81
C GLY A 45 -27.25 -13.76 19.95
N PHE A 46 -28.50 -14.04 19.57
CA PHE A 46 -29.28 -13.16 18.71
C PHE A 46 -29.64 -11.90 19.49
N VAL A 47 -29.96 -12.08 20.77
CA VAL A 47 -30.21 -10.95 21.67
C VAL A 47 -29.02 -9.98 21.70
N GLN A 48 -27.83 -10.50 22.03
CA GLN A 48 -26.61 -9.70 22.06
C GLN A 48 -26.36 -9.05 20.69
N MSE A 49 -26.60 -9.79 19.62
CA MSE A 49 -26.27 -9.32 18.29
CA MSE A 49 -26.28 -9.34 18.27
C MSE A 49 -27.14 -8.15 17.85
O MSE A 49 -26.65 -7.20 17.24
CB MSE A 49 -26.40 -10.46 17.27
CB MSE A 49 -26.45 -10.49 17.26
CG MSE A 49 -25.15 -10.71 16.47
CG MSE A 49 -26.26 -10.11 15.79
SE MSE A 49 -25.34 -12.34 15.42
SE MSE A 49 -26.47 -11.64 14.56
CE MSE A 49 -26.73 -11.71 14.21
CE MSE A 49 -25.01 -12.72 15.28
N THR A 50 -28.41 -8.22 18.17
CA THR A 50 -29.38 -7.25 17.67
C THR A 50 -29.67 -6.11 18.63
N GLY A 51 -29.42 -6.32 19.91
CA GLY A 51 -29.69 -5.27 20.88
C GLY A 51 -31.12 -5.34 21.41
N TYR A 52 -31.93 -6.24 20.88
CA TYR A 52 -33.31 -6.38 21.31
C TYR A 52 -33.43 -7.35 22.50
N GLU A 53 -34.33 -7.04 23.42
CA GLU A 53 -34.66 -7.95 24.52
C GLU A 53 -35.50 -9.11 23.97
N THR A 54 -35.42 -10.26 24.64
CA THR A 54 -36.20 -11.43 24.24
C THR A 54 -37.70 -11.08 24.01
N GLU A 55 -38.28 -10.30 24.91
CA GLU A 55 -39.69 -9.92 24.80
C GLU A 55 -39.98 -9.08 23.57
N GLU A 56 -38.96 -8.42 23.02
CA GLU A 56 -39.15 -7.59 21.83
C GLU A 56 -38.81 -8.40 20.58
N ILE A 57 -38.60 -9.69 20.74
CA ILE A 57 -38.28 -10.56 19.60
C ILE A 57 -39.33 -11.66 19.42
N LEU A 58 -39.59 -12.40 20.49
CA LEU A 58 -40.48 -13.54 20.42
C LEU A 58 -41.88 -13.14 19.99
N GLY A 59 -42.45 -13.88 19.03
CA GLY A 59 -43.78 -13.58 18.52
C GLY A 59 -43.78 -12.67 17.31
N LYS A 60 -42.63 -12.10 16.98
CA LYS A 60 -42.48 -11.29 15.78
C LYS A 60 -41.99 -12.12 14.60
N ASN A 61 -42.40 -11.73 13.39
CA ASN A 61 -41.75 -12.21 12.19
C ASN A 61 -40.35 -11.57 12.11
N CYS A 62 -39.36 -12.28 11.60
CA CYS A 62 -37.99 -11.75 11.68
CA CYS A 62 -37.96 -11.83 11.55
C CYS A 62 -37.72 -10.59 10.70
N ARG A 63 -38.68 -10.23 9.87
CA ARG A 63 -38.47 -9.09 8.97
C ARG A 63 -38.28 -7.76 9.73
N PHE A 64 -38.52 -7.75 11.03
CA PHE A 64 -38.43 -6.51 11.82
C PHE A 64 -37.00 -5.96 11.92
N LEU A 65 -36.02 -6.80 11.57
CA LEU A 65 -34.63 -6.41 11.57
C LEU A 65 -34.28 -5.60 10.33
N GLN A 66 -35.20 -5.55 9.37
CA GLN A 66 -34.96 -4.90 8.08
C GLN A 66 -35.17 -3.39 8.14
N GLY A 67 -34.54 -2.68 7.21
CA GLY A 67 -34.65 -1.24 7.16
C GLY A 67 -34.38 -0.65 5.79
N LYS A 68 -33.95 0.61 5.78
CA LYS A 68 -33.88 1.40 4.55
C LYS A 68 -32.97 0.85 3.45
N HIS A 69 -31.80 0.35 3.84
CA HIS A 69 -30.86 -0.13 2.84
C HIS A 69 -30.85 -1.66 2.69
N THR A 70 -31.87 -2.32 3.23
CA THR A 70 -32.06 -3.76 3.00
C THR A 70 -32.45 -4.01 1.53
N ASP A 71 -31.71 -4.90 0.87
CA ASP A 71 -31.95 -5.22 -0.54
C ASP A 71 -33.25 -6.00 -0.70
N PRO A 72 -34.27 -5.39 -1.30
CA PRO A 72 -35.60 -6.01 -1.38
C PRO A 72 -35.62 -7.26 -2.28
N ALA A 73 -34.65 -7.38 -3.17
CA ALA A 73 -34.57 -8.56 -4.04
C ALA A 73 -34.05 -9.79 -3.29
N GLU A 74 -33.07 -9.58 -2.40
CA GLU A 74 -32.60 -10.68 -1.58
C GLU A 74 -33.68 -11.07 -0.56
N VAL A 75 -34.55 -10.12 -0.23
CA VAL A 75 -35.74 -10.41 0.57
C VAL A 75 -36.68 -11.33 -0.20
N ASP A 76 -36.81 -11.05 -1.49
CA ASP A 76 -37.62 -11.89 -2.37
C ASP A 76 -37.04 -13.29 -2.47
N ASN A 77 -35.71 -13.40 -2.46
CA ASN A 77 -35.05 -14.71 -2.48
C ASN A 77 -35.39 -15.54 -1.24
N ILE A 78 -35.50 -14.86 -0.10
CA ILE A 78 -35.90 -15.54 1.13
C ILE A 78 -37.34 -16.03 1.02
N ARG A 79 -38.26 -15.10 0.72
CA ARG A 79 -39.68 -15.42 0.68
C ARG A 79 -39.99 -16.58 -0.26
N THR A 80 -39.29 -16.61 -1.38
CA THR A 80 -39.49 -17.65 -2.37
C THR A 80 -39.05 -18.99 -1.83
N ALA A 81 -37.83 -19.03 -1.28
CA ALA A 81 -37.27 -20.24 -0.73
C ALA A 81 -38.15 -20.85 0.36
N LEU A 82 -38.76 -19.99 1.18
CA LEU A 82 -39.60 -20.48 2.27
C LEU A 82 -40.94 -21.03 1.77
N GLN A 83 -41.50 -20.41 0.73
CA GLN A 83 -42.76 -20.87 0.15
C GLN A 83 -42.61 -22.26 -0.47
N ASN A 84 -41.38 -22.59 -0.88
CA ASN A 84 -41.06 -23.90 -1.41
C ASN A 84 -40.33 -24.80 -0.41
N LYS A 85 -40.25 -24.35 0.84
CA LYS A 85 -39.57 -25.09 1.90
C LYS A 85 -38.16 -25.50 1.50
N GLU A 86 -37.47 -24.56 0.88
CA GLU A 86 -36.09 -24.76 0.45
C GLU A 86 -35.13 -24.03 1.39
N PRO A 87 -33.95 -24.61 1.61
CA PRO A 87 -32.90 -23.90 2.36
C PRO A 87 -32.47 -22.67 1.57
N VAL A 88 -31.96 -21.66 2.26
CA VAL A 88 -31.50 -20.45 1.59
C VAL A 88 -30.44 -19.73 2.44
N THR A 89 -29.35 -19.33 1.80
CA THR A 89 -28.32 -18.53 2.45
C THR A 89 -28.26 -17.17 1.76
N VAL A 90 -28.12 -16.12 2.56
CA VAL A 90 -28.22 -14.76 2.07
C VAL A 90 -27.41 -13.83 2.99
N GLN A 91 -26.71 -12.87 2.39
CA GLN A 91 -26.06 -11.80 3.15
C GLN A 91 -26.91 -10.54 3.00
N ILE A 92 -27.35 -9.97 4.12
CA ILE A 92 -28.40 -8.95 4.08
C ILE A 92 -28.19 -7.79 5.09
N GLN A 93 -28.70 -6.62 4.75
CA GLN A 93 -28.58 -5.46 5.64
C GLN A 93 -29.69 -5.45 6.69
N ASN A 94 -29.29 -5.51 7.94
CA ASN A 94 -30.24 -5.49 9.05
C ASN A 94 -29.87 -4.37 10.00
N TYR A 95 -30.71 -4.17 11.02
CA TYR A 95 -30.56 -3.01 11.88
C TYR A 95 -30.73 -3.39 13.34
N LYS A 96 -29.77 -3.00 14.18
CA LYS A 96 -29.87 -3.23 15.61
C LYS A 96 -30.88 -2.29 16.23
N LYS A 97 -31.29 -2.59 17.46
CA LYS A 97 -32.28 -1.80 18.15
C LYS A 97 -31.90 -0.31 18.15
N ASP A 98 -30.61 -0.01 18.35
CA ASP A 98 -30.18 1.38 18.35
C ASP A 98 -30.08 2.04 16.95
N GLY A 99 -30.40 1.27 15.91
CA GLY A 99 -30.42 1.82 14.55
C GLY A 99 -29.17 1.52 13.74
N THR A 100 -28.20 0.87 14.37
CA THR A 100 -26.93 0.56 13.70
C THR A 100 -27.08 -0.57 12.68
N MSE A 101 -26.54 -0.33 11.49
CA MSE A 101 -26.53 -1.34 10.42
C MSE A 101 -25.53 -2.45 10.79
O MSE A 101 -24.42 -2.19 11.26
CB MSE A 101 -26.14 -0.67 9.10
CG MSE A 101 -26.28 -1.51 7.81
SE MSE A 101 -24.90 -2.88 7.54
CE MSE A 101 -23.32 -1.94 8.16
N PHE A 102 -25.95 -3.70 10.61
CA PHE A 102 -25.01 -4.78 10.58
C PHE A 102 -25.25 -5.66 9.36
N TRP A 103 -24.19 -6.32 8.90
CA TRP A 103 -24.31 -7.26 7.80
C TRP A 103 -24.63 -8.62 8.39
N ASN A 104 -25.79 -9.13 8.00
CA ASN A 104 -26.30 -10.39 8.52
C ASN A 104 -26.14 -11.46 7.45
N GLU A 105 -25.24 -12.41 7.72
CA GLU A 105 -25.14 -13.62 6.91
C GLU A 105 -26.16 -14.61 7.45
N LEU A 106 -27.25 -14.77 6.70
CA LEU A 106 -28.41 -15.52 7.14
C LEU A 106 -28.43 -16.90 6.49
N ASN A 107 -28.59 -17.94 7.32
CA ASN A 107 -28.74 -19.31 6.84
C ASN A 107 -30.05 -19.89 7.37
N ILE A 108 -30.98 -20.22 6.47
CA ILE A 108 -32.27 -20.74 6.89
C ILE A 108 -32.48 -22.16 6.36
N ASP A 109 -32.95 -23.04 7.23
CA ASP A 109 -33.26 -24.42 6.82
C ASP A 109 -34.60 -24.86 7.38
N PRO A 110 -35.42 -25.51 6.54
CA PRO A 110 -36.61 -26.19 7.03
C PRO A 110 -36.17 -27.36 7.92
N MSE A 111 -36.93 -27.63 8.99
CA MSE A 111 -36.75 -28.85 9.79
C MSE A 111 -38.09 -29.56 9.89
O MSE A 111 -39.13 -28.92 10.04
CB MSE A 111 -36.26 -28.54 11.21
CG MSE A 111 -35.05 -27.61 11.31
SE MSE A 111 -34.44 -27.46 13.17
CE MSE A 111 -35.94 -26.57 13.96
N GLU A 112 -38.07 -30.89 9.84
CA GLU A 112 -39.26 -31.70 10.03
C GLU A 112 -39.16 -32.48 11.33
N ILE A 113 -40.01 -32.15 12.30
CA ILE A 113 -40.08 -32.91 13.53
C ILE A 113 -41.49 -33.41 13.74
N GLU A 114 -41.66 -34.73 13.77
CA GLU A 114 -42.99 -35.33 13.95
C GLU A 114 -43.95 -34.88 12.85
N ASP A 115 -43.45 -34.84 11.62
CA ASP A 115 -44.22 -34.38 10.46
C ASP A 115 -44.73 -32.93 10.54
N LYS A 116 -44.04 -32.09 11.30
CA LYS A 116 -44.35 -30.67 11.34
C LYS A 116 -43.14 -29.85 10.92
N THR A 117 -43.36 -28.87 10.04
CA THR A 117 -42.28 -28.04 9.53
C THR A 117 -41.98 -26.84 10.42
N TYR A 118 -40.70 -26.66 10.75
CA TYR A 118 -40.21 -25.44 11.38
C TYR A 118 -39.16 -24.84 10.46
N PHE A 119 -38.80 -23.60 10.75
CA PHE A 119 -37.61 -23.04 10.12
C PHE A 119 -36.62 -22.65 11.20
N VAL A 120 -35.36 -23.02 10.97
CA VAL A 120 -34.29 -22.59 11.86
C VAL A 120 -33.45 -21.56 11.13
N GLY A 121 -33.18 -20.45 11.81
CA GLY A 121 -32.37 -19.39 11.25
C GLY A 121 -31.10 -19.23 12.04
N ILE A 122 -29.97 -19.23 11.33
CA ILE A 122 -28.67 -18.95 11.94
C ILE A 122 -28.17 -17.61 11.41
N GLN A 123 -27.95 -16.65 12.31
CA GLN A 123 -27.51 -15.33 11.89
C GLN A 123 -26.08 -15.06 12.32
N ASN A 124 -25.29 -14.56 11.39
CA ASN A 124 -23.93 -14.17 11.66
C ASN A 124 -23.71 -12.71 11.34
N ASP A 125 -23.23 -11.96 12.34
CA ASP A 125 -22.84 -10.58 12.12
C ASP A 125 -21.45 -10.61 11.48
N ILE A 126 -21.39 -10.24 10.20
CA ILE A 126 -20.13 -10.31 9.46
C ILE A 126 -19.64 -8.93 9.02
N THR A 127 -20.15 -7.92 9.71
CA THR A 127 -19.75 -6.54 9.50
C THR A 127 -18.23 -6.38 9.57
N GLU A 128 -17.62 -6.99 10.59
CA GLU A 128 -16.17 -6.92 10.76
C GLU A 128 -15.49 -7.61 9.58
N HIS A 129 -16.01 -8.78 9.23
CA HIS A 129 -15.47 -9.54 8.10
C HIS A 129 -15.50 -8.71 6.82
N GLN A 130 -16.61 -8.02 6.57
CA GLN A 130 -16.72 -7.21 5.35
C GLN A 130 -15.82 -5.98 5.40
N GLN A 131 -15.65 -5.39 6.58
CA GLN A 131 -14.77 -4.25 6.72
C GLN A 131 -13.33 -4.63 6.39
N THR A 132 -12.93 -5.80 6.87
CA THR A 132 -11.58 -6.26 6.67
C THR A 132 -11.33 -6.53 5.20
N GLN A 133 -12.31 -7.15 4.55
CA GLN A 133 -12.20 -7.43 3.13
C GLN A 133 -12.12 -6.13 2.33
N ALA A 134 -12.91 -5.14 2.72
CA ALA A 134 -12.92 -3.86 2.04
C ALA A 134 -11.55 -3.20 2.22
N ARG A 135 -10.97 -3.35 3.40
CA ARG A 135 -9.68 -2.74 3.69
C ARG A 135 -8.58 -3.39 2.84
N LEU A 136 -8.66 -4.71 2.68
CA LEU A 136 -7.69 -5.41 1.83
C LEU A 136 -7.76 -4.90 0.40
N GLN A 137 -8.97 -4.83 -0.14
CA GLN A 137 -9.20 -4.36 -1.51
C GLN A 137 -8.67 -2.95 -1.67
N GLU A 138 -8.90 -2.15 -0.64
CA GLU A 138 -8.47 -0.76 -0.65
C GLU A 138 -6.95 -0.66 -0.64
N LEU A 139 -6.29 -1.46 0.18
CA LEU A 139 -4.82 -1.44 0.22
C LEU A 139 -4.27 -1.86 -1.14
N GLN A 140 -4.80 -2.93 -1.70
CA GLN A 140 -4.38 -3.39 -3.03
C GLN A 140 -4.58 -2.31 -4.08
N SER A 141 -5.65 -1.53 -3.92
CA SER A 141 -5.97 -0.49 -4.87
C SER A 141 -5.03 0.72 -4.71
N GLU A 142 -4.70 1.06 -3.47
CA GLU A 142 -3.76 2.16 -3.25
C GLU A 142 -2.40 1.86 -3.85
N LEU A 143 -1.96 0.61 -3.71
CA LEU A 143 -0.70 0.17 -4.30
C LEU A 143 -0.70 0.36 -5.82
N VAL A 144 -1.76 -0.05 -6.49
CA VAL A 144 -1.87 0.17 -7.93
C VAL A 144 -1.94 1.67 -8.24
N HIS A 145 -2.69 2.41 -7.44
CA HIS A 145 -2.84 3.85 -7.60
C HIS A 145 -1.50 4.59 -7.66
N VAL A 146 -0.55 4.26 -6.78
CA VAL A 146 0.70 5.03 -6.70
C VAL A 146 1.86 4.41 -7.46
N SER A 147 1.59 3.35 -8.21
CA SER A 147 2.67 2.59 -8.83
C SER A 147 3.52 3.38 -9.85
N ARG A 148 2.90 4.28 -10.61
CA ARG A 148 3.62 5.13 -11.56
C ARG A 148 4.56 6.08 -10.83
N LEU A 149 4.05 6.78 -9.82
CA LEU A 149 4.88 7.64 -8.99
C LEU A 149 5.96 6.89 -8.22
N SER A 150 5.65 5.69 -7.75
CA SER A 150 6.67 4.93 -7.04
C SER A 150 7.77 4.46 -8.00
N ALA A 151 7.39 4.05 -9.22
CA ALA A 151 8.41 3.76 -10.22
C ALA A 151 9.34 4.98 -10.43
N MSE A 152 8.75 6.15 -10.53
CA MSE A 152 9.54 7.38 -10.71
C MSE A 152 10.46 7.64 -9.52
O MSE A 152 11.56 8.15 -9.70
CB MSE A 152 8.62 8.58 -10.95
CG MSE A 152 8.24 8.73 -12.40
SE MSE A 152 6.82 10.05 -12.60
CE MSE A 152 7.93 11.56 -12.08
N GLY A 153 10.02 7.31 -8.33
CA GLY A 153 10.84 7.43 -7.14
C GLY A 153 12.00 6.44 -7.24
N GLU A 154 11.73 5.23 -7.74
CA GLU A 154 12.80 4.25 -7.95
C GLU A 154 13.81 4.76 -8.97
N MSE A 155 13.30 5.35 -10.05
CA MSE A 155 14.17 5.89 -11.07
C MSE A 155 15.03 7.02 -10.52
O MSE A 155 16.22 7.09 -10.84
CB MSE A 155 13.35 6.37 -12.28
CG MSE A 155 14.18 7.08 -13.34
SE MSE A 155 13.04 7.56 -14.86
CE MSE A 155 14.45 7.93 -16.23
N ALA A 156 14.45 7.86 -9.67
CA ALA A 156 15.20 8.94 -9.06
C ALA A 156 16.29 8.38 -8.14
N SER A 157 15.94 7.35 -7.38
CA SER A 157 16.92 6.74 -6.51
C SER A 157 18.04 6.11 -7.34
N ALA A 158 17.67 5.46 -8.44
CA ALA A 158 18.69 4.79 -9.25
C ALA A 158 19.61 5.80 -9.94
N LEU A 159 19.03 6.89 -10.44
CA LEU A 159 19.83 7.90 -11.13
C LEU A 159 20.77 8.58 -10.14
N ALA A 160 20.25 8.86 -8.94
CA ALA A 160 21.02 9.45 -7.86
C ALA A 160 22.23 8.57 -7.56
N HIS A 161 22.00 7.27 -7.42
CA HIS A 161 23.07 6.32 -7.20
C HIS A 161 24.11 6.39 -8.31
N GLU A 162 23.65 6.48 -9.55
CA GLU A 162 24.54 6.55 -10.71
C GLU A 162 25.37 7.83 -10.74
N LEU A 163 24.88 8.83 -10.03
CA LEU A 163 25.50 10.15 -9.99
C LEU A 163 26.76 10.09 -9.14
N ASN A 164 26.81 9.10 -8.25
CA ASN A 164 27.97 8.90 -7.37
C ASN A 164 29.26 8.71 -8.16
N GLN A 165 29.15 8.04 -9.31
CA GLN A 165 30.34 7.70 -10.09
C GLN A 165 31.07 8.92 -10.68
N PRO A 166 30.38 9.81 -11.41
CA PRO A 166 31.13 11.01 -11.87
C PRO A 166 31.57 11.93 -10.73
N LEU A 167 30.82 11.95 -9.62
CA LEU A 167 31.20 12.75 -8.45
C LEU A 167 32.53 12.24 -7.88
N ALA A 168 32.64 10.93 -7.76
CA ALA A 168 33.86 10.31 -7.27
C ALA A 168 35.03 10.62 -8.19
N ALA A 169 34.77 10.63 -9.50
CA ALA A 169 35.82 10.91 -10.46
C ALA A 169 36.30 12.38 -10.31
N ILE A 170 35.33 13.28 -10.14
CA ILE A 170 35.61 14.70 -9.90
C ILE A 170 36.47 14.91 -8.65
N SER A 171 36.11 14.20 -7.57
CA SER A 171 36.92 14.21 -6.35
C SER A 171 38.36 13.78 -6.58
N ASN A 172 38.56 12.64 -7.26
CA ASN A 172 39.90 12.16 -7.57
C ASN A 172 40.71 13.16 -8.41
N TYR A 173 40.06 13.73 -9.43
CA TYR A 173 40.73 14.73 -10.26
C TYR A 173 41.14 15.95 -9.43
N MSE A 174 40.26 16.41 -8.56
CA MSE A 174 40.62 17.55 -7.72
C MSE A 174 41.70 17.19 -6.70
O MSE A 174 42.59 17.99 -6.43
CB MSE A 174 39.40 18.15 -7.04
CG MSE A 174 39.02 19.49 -7.66
SE MSE A 174 37.11 19.69 -7.69
CE MSE A 174 36.69 18.50 -6.20
N LYS A 175 41.63 15.98 -6.18
CA LYS A 175 42.62 15.51 -5.23
C LYS A 175 43.99 15.44 -5.90
N GLY A 176 44.03 14.84 -7.09
CA GLY A 176 45.26 14.80 -7.85
C GLY A 176 45.78 16.19 -8.15
N SER A 177 44.87 17.10 -8.48
CA SER A 177 45.23 18.47 -8.83
C SER A 177 45.87 19.21 -7.68
N ARG A 178 45.25 19.10 -6.50
CA ARG A 178 45.84 19.63 -5.28
C ARG A 178 47.24 19.07 -5.00
N ARG A 179 47.44 17.77 -5.26
CA ARG A 179 48.77 17.19 -5.13
C ARG A 179 49.78 17.93 -6.00
N LEU A 180 49.43 18.15 -7.26
CA LEU A 180 50.34 18.83 -8.17
C LEU A 180 50.55 20.30 -7.84
N LEU A 181 49.49 20.96 -7.35
CA LEU A 181 49.57 22.38 -6.97
C LEU A 181 50.46 22.60 -5.75
N ALA A 182 50.69 21.54 -4.97
CA ALA A 182 51.56 21.62 -3.80
C ALA A 182 52.98 22.00 -4.17
N GLY A 183 53.41 21.60 -5.36
CA GLY A 183 54.73 21.96 -5.85
C GLY A 183 54.78 23.24 -6.68
N SER A 184 53.69 23.99 -6.68
CA SER A 184 53.60 25.22 -7.49
CA SER A 184 53.59 25.22 -7.48
C SER A 184 53.84 26.49 -6.67
N SER A 185 54.67 27.38 -7.22
CA SER A 185 55.00 28.64 -6.56
C SER A 185 54.32 29.82 -7.26
N ASP A 186 53.45 29.55 -8.22
CA ASP A 186 52.73 30.61 -8.92
C ASP A 186 51.92 31.44 -7.92
N PRO A 187 51.87 32.77 -8.12
CA PRO A 187 51.12 33.64 -7.21
C PRO A 187 49.62 33.36 -7.22
N ASN A 188 49.10 32.83 -8.32
CA ASN A 188 47.67 32.50 -8.41
C ASN A 188 47.31 31.17 -7.76
N THR A 189 48.33 30.41 -7.34
CA THR A 189 48.12 29.05 -6.86
C THR A 189 47.25 28.90 -5.59
N PRO A 190 47.42 29.79 -4.60
CA PRO A 190 46.45 29.79 -3.49
C PRO A 190 44.99 29.95 -3.94
N LYS A 191 44.73 30.84 -4.90
CA LYS A 191 43.36 31.08 -5.38
C LYS A 191 42.73 29.86 -6.07
N VAL A 192 43.55 29.12 -6.82
CA VAL A 192 43.11 27.90 -7.46
C VAL A 192 42.76 26.89 -6.38
N GLU A 193 43.61 26.80 -5.36
CA GLU A 193 43.36 25.88 -4.24
C GLU A 193 42.06 26.21 -3.50
N SER A 194 41.79 27.50 -3.31
CA SER A 194 40.52 27.93 -2.71
C SER A 194 39.32 27.46 -3.52
N ALA A 195 39.37 27.72 -4.83
CA ALA A 195 38.30 27.33 -5.75
C ALA A 195 38.05 25.83 -5.63
N LEU A 196 39.13 25.07 -5.57
CA LEU A 196 39.06 23.61 -5.50
C LEU A 196 38.45 23.14 -4.18
N ASP A 197 38.83 23.77 -3.07
CA ASP A 197 38.23 23.43 -1.78
C ASP A 197 36.73 23.70 -1.78
N ARG A 198 36.33 24.84 -2.33
CA ARG A 198 34.93 25.22 -2.43
CA ARG A 198 34.92 25.19 -2.40
C ARG A 198 34.16 24.25 -3.33
N ALA A 199 34.80 23.81 -4.41
CA ALA A 199 34.22 22.80 -5.29
C ALA A 199 34.06 21.48 -4.53
N ALA A 200 35.07 21.13 -3.75
CA ALA A 200 35.00 19.92 -2.92
C ALA A 200 33.82 19.99 -1.93
N GLU A 201 33.54 21.18 -1.39
CA GLU A 201 32.40 21.32 -0.48
C GLU A 201 31.12 21.00 -1.21
N GLN A 202 31.03 21.50 -2.44
CA GLN A 202 29.83 21.29 -3.25
C GLN A 202 29.65 19.80 -3.58
N ALA A 203 30.75 19.13 -3.93
CA ALA A 203 30.70 17.68 -4.16
C ALA A 203 30.17 16.95 -2.91
N LEU A 204 30.66 17.37 -1.74
CA LEU A 204 30.17 16.77 -0.50
C LEU A 204 28.69 17.05 -0.28
N ARG A 205 28.25 18.26 -0.56
CA ARG A 205 26.83 18.57 -0.36
C ARG A 205 25.97 17.78 -1.37
N ALA A 206 26.43 17.64 -2.61
CA ALA A 206 25.69 16.87 -3.59
C ALA A 206 25.59 15.44 -3.10
N GLY A 207 26.68 14.94 -2.52
CA GLY A 207 26.72 13.58 -1.99
C GLY A 207 25.72 13.34 -0.87
N GLN A 208 25.49 14.38 -0.06
CA GLN A 208 24.61 14.28 1.10
C GLN A 208 23.14 14.22 0.64
N ILE A 209 22.84 14.92 -0.45
CA ILE A 209 21.48 14.92 -0.98
C ILE A 209 21.16 13.50 -1.47
N ILE A 210 22.12 12.87 -2.11
CA ILE A 210 21.95 11.52 -2.64
C ILE A 210 21.76 10.54 -1.50
N ARG A 211 22.62 10.67 -0.49
CA ARG A 211 22.57 9.84 0.70
C ARG A 211 21.19 9.88 1.38
N ARG A 212 20.63 11.08 1.50
CA ARG A 212 19.34 11.27 2.17
C ARG A 212 18.19 10.67 1.37
N LEU A 213 18.21 10.90 0.06
CA LEU A 213 17.21 10.33 -0.83
C LEU A 213 17.23 8.81 -0.72
N ARG A 214 18.43 8.25 -0.83
CA ARG A 214 18.58 6.80 -0.81
C ARG A 214 18.25 6.17 0.55
N ASP A 215 18.57 6.84 1.64
CA ASP A 215 18.19 6.33 2.96
C ASP A 215 16.68 6.39 3.16
N PHE A 216 16.03 7.39 2.60
CA PHE A 216 14.59 7.58 2.80
C PHE A 216 13.78 6.49 2.05
N VAL A 217 14.21 6.14 0.85
CA VAL A 217 13.47 5.13 0.08
C VAL A 217 13.87 3.67 0.37
N ALA A 218 14.92 3.45 1.15
CA ALA A 218 15.34 2.08 1.47
C ALA A 218 14.21 1.32 2.18
N ARG A 219 14.08 0.02 1.89
CA ARG A 219 13.02 -0.80 2.50
C ARG A 219 13.21 -0.87 4.02
N GLY A 220 14.36 -1.40 4.43
CA GLY A 220 14.84 -1.18 5.78
C GLY A 220 14.22 -1.91 6.95
N GLU A 221 14.69 -1.53 8.14
CA GLU A 221 14.54 -2.30 9.38
C GLU A 221 13.17 -2.25 10.09
N SER A 222 12.60 -1.06 10.23
CA SER A 222 11.29 -0.87 10.89
C SER A 222 11.26 -1.29 12.37
N GLU A 223 12.11 -0.65 13.16
CA GLU A 223 12.08 -0.77 14.61
C GLU A 223 11.61 0.58 15.15
N LYS A 224 10.89 0.56 16.27
CA LYS A 224 10.65 1.80 17.00
C LYS A 224 11.82 2.06 17.97
N ARG A 225 12.39 3.25 17.92
CA ARG A 225 13.55 3.57 18.76
C ARG A 225 13.44 4.97 19.36
N VAL A 226 14.28 5.27 20.35
CA VAL A 226 14.34 6.63 20.88
C VAL A 226 14.91 7.55 19.83
N GLU A 227 14.17 8.61 19.50
CA GLU A 227 14.51 9.51 18.40
C GLU A 227 14.35 10.97 18.77
N SER A 228 15.25 11.82 18.29
CA SER A 228 15.16 13.24 18.53
C SER A 228 14.22 13.87 17.50
N LEU A 229 13.23 14.62 17.97
CA LEU A 229 12.29 15.27 17.05
C LEU A 229 13.00 16.36 16.26
N SER A 230 13.88 17.09 16.93
CA SER A 230 14.71 18.09 16.28
C SER A 230 15.45 17.49 15.08
N LYS A 231 16.10 16.36 15.29
CA LYS A 231 16.83 15.69 14.23
C LYS A 231 15.91 15.22 13.10
N LEU A 232 14.83 14.53 13.40
CA LEU A 232 14.01 14.03 12.28
C LEU A 232 13.23 15.14 11.56
N ILE A 233 12.96 16.23 12.26
CA ILE A 233 12.33 17.37 11.60
C ILE A 233 13.31 17.99 10.61
N GLU A 234 14.59 18.05 10.98
CA GLU A 234 15.58 18.62 10.08
C GLU A 234 15.83 17.66 8.90
N GLU A 235 15.91 16.37 9.20
CA GLU A 235 16.04 15.36 8.14
C GLU A 235 14.86 15.39 7.17
N ALA A 236 13.64 15.50 7.69
CA ALA A 236 12.47 15.56 6.80
C ALA A 236 12.47 16.85 6.02
N GLY A 237 12.93 17.93 6.65
CA GLY A 237 12.98 19.23 6.01
C GLY A 237 13.96 19.28 4.85
N ALA A 238 15.12 18.66 5.03
CA ALA A 238 16.14 18.57 3.99
C ALA A 238 15.56 17.97 2.71
N LEU A 239 14.70 16.98 2.87
CA LEU A 239 14.05 16.36 1.72
C LEU A 239 12.82 17.15 1.26
N GLY A 240 11.93 17.42 2.19
CA GLY A 240 10.60 17.92 1.85
C GLY A 240 10.50 19.40 1.58
N LEU A 241 11.45 20.18 2.08
CA LEU A 241 11.33 21.64 1.95
C LEU A 241 12.22 22.21 0.85
N ALA A 242 12.64 21.37 -0.10
CA ALA A 242 13.40 21.85 -1.25
C ALA A 242 12.57 22.87 -2.02
N GLY A 243 13.18 24.01 -2.35
CA GLY A 243 12.52 25.05 -3.09
C GLY A 243 11.86 26.11 -2.22
N ALA A 244 11.79 25.84 -0.92
CA ALA A 244 11.11 26.74 0.02
C ALA A 244 11.76 28.14 0.06
N ARG A 245 13.08 28.19 0.15
CA ARG A 245 13.80 29.47 0.16
C ARG A 245 13.53 30.25 -1.13
N GLU A 246 13.56 29.55 -2.26
CA GLU A 246 13.30 30.18 -3.55
C GLU A 246 11.84 30.61 -3.70
N GLN A 247 10.93 29.89 -3.04
CA GLN A 247 9.53 30.32 -3.04
C GLN A 247 9.27 31.42 -2.01
N ASN A 248 10.34 31.95 -1.40
CA ASN A 248 10.23 32.93 -0.32
C ASN A 248 9.29 32.50 0.82
N VAL A 249 9.37 31.24 1.22
CA VAL A 249 8.64 30.73 2.37
C VAL A 249 9.50 30.94 3.62
N GLN A 250 8.92 31.53 4.66
CA GLN A 250 9.64 31.70 5.93
C GLN A 250 9.47 30.46 6.80
N LEU A 251 10.57 29.76 7.08
CA LEU A 251 10.51 28.56 7.90
C LEU A 251 10.86 28.89 9.35
N ARG A 252 10.08 28.34 10.27
CA ARG A 252 10.35 28.49 11.68
C ARG A 252 10.13 27.17 12.39
N PHE A 253 11.20 26.62 12.93
CA PHE A 253 11.09 25.44 13.77
C PHE A 253 11.26 25.89 15.21
N SER A 254 10.16 26.04 15.93
CA SER A 254 10.20 26.41 17.34
C SER A 254 10.10 25.15 18.17
N LEU A 255 11.24 24.63 18.58
CA LEU A 255 11.29 23.34 19.26
C LEU A 255 11.54 23.47 20.75
N ASP A 256 11.07 22.49 21.49
CA ASP A 256 11.28 22.44 22.93
C ASP A 256 12.17 21.25 23.28
N PRO A 257 13.38 21.53 23.78
CA PRO A 257 14.38 20.49 24.10
C PRO A 257 13.93 19.55 25.21
N GLY A 258 12.97 19.98 26.02
CA GLY A 258 12.45 19.13 27.08
C GLY A 258 11.45 18.11 26.57
N ALA A 259 10.99 18.31 25.34
CA ALA A 259 10.00 17.44 24.75
C ALA A 259 10.51 16.91 23.42
N ASP A 260 11.75 16.46 23.39
CA ASP A 260 12.41 16.16 22.13
C ASP A 260 12.51 14.67 21.78
N LEU A 261 12.54 13.80 22.79
CA LEU A 261 12.71 12.37 22.55
C LEU A 261 11.38 11.63 22.49
N VAL A 262 11.17 10.93 21.38
CA VAL A 262 9.98 10.11 21.22
C VAL A 262 10.35 8.66 20.89
N LEU A 263 9.41 7.75 21.07
CA LEU A 263 9.59 6.38 20.59
C LEU A 263 8.98 6.22 19.19
N ALA A 264 9.84 6.07 18.17
CA ALA A 264 9.33 6.02 16.81
C ALA A 264 10.24 5.30 15.83
N ASP A 265 9.64 4.89 14.71
CA ASP A 265 10.38 4.48 13.52
C ASP A 265 10.67 5.77 12.75
N ARG A 266 11.91 6.25 12.83
CA ARG A 266 12.22 7.59 12.33
C ARG A 266 11.91 7.84 10.84
N VAL A 267 12.14 6.84 9.99
CA VAL A 267 11.84 7.01 8.56
C VAL A 267 10.33 7.20 8.33
N GLN A 268 9.51 6.52 9.12
CA GLN A 268 8.07 6.65 9.00
C GLN A 268 7.58 8.02 9.49
N ILE A 269 8.15 8.51 10.58
CA ILE A 269 7.82 9.85 11.02
C ILE A 269 8.36 10.87 10.03
N GLN A 270 9.56 10.64 9.50
CA GLN A 270 10.04 11.44 8.37
C GLN A 270 9.03 11.53 7.21
N GLN A 271 8.44 10.40 6.80
CA GLN A 271 7.59 10.44 5.61
C GLN A 271 6.28 11.13 5.93
N VAL A 272 5.84 11.05 7.19
CA VAL A 272 4.70 11.84 7.61
C VAL A 272 5.01 13.35 7.46
N LEU A 273 6.20 13.76 7.90
CA LEU A 273 6.57 15.18 7.85
C LEU A 273 6.82 15.66 6.41
N VAL A 274 7.52 14.85 5.62
CA VAL A 274 7.74 15.14 4.20
C VAL A 274 6.42 15.46 3.48
N ASN A 275 5.40 14.63 3.71
CA ASN A 275 4.05 14.84 3.14
C ASN A 275 3.37 16.14 3.61
N LEU A 276 3.48 16.48 4.90
CA LEU A 276 2.91 17.75 5.39
C LEU A 276 3.63 18.94 4.73
N PHE A 277 4.95 18.83 4.62
CA PHE A 277 5.77 19.89 4.05
C PHE A 277 5.44 20.13 2.55
N ARG A 278 5.43 19.05 1.76
CA ARG A 278 5.13 19.18 0.34
CA ARG A 278 5.11 19.15 0.34
C ARG A 278 3.72 19.75 0.15
N ASN A 279 2.77 19.25 0.93
CA ASN A 279 1.40 19.75 0.87
C ASN A 279 1.27 21.24 1.25
N ALA A 280 2.04 21.65 2.25
CA ALA A 280 2.00 23.05 2.69
C ALA A 280 2.60 23.97 1.64
N LEU A 281 3.71 23.56 1.02
CA LEU A 281 4.32 24.37 -0.02
C LEU A 281 3.37 24.49 -1.21
N GLU A 282 2.67 23.40 -1.53
CA GLU A 282 1.73 23.43 -2.65
C GLU A 282 0.55 24.35 -2.34
N ALA A 283 0.05 24.29 -1.10
CA ALA A 283 -1.07 25.12 -0.67
C ALA A 283 -0.75 26.61 -0.58
N MSE A 284 0.54 26.94 -0.53
CA MSE A 284 0.97 28.34 -0.41
C MSE A 284 1.44 28.93 -1.74
O MSE A 284 1.90 30.08 -1.78
CB MSE A 284 2.09 28.47 0.63
CG MSE A 284 1.62 28.28 2.07
SE MSE A 284 3.06 28.66 3.38
CE MSE A 284 4.28 27.17 2.94
N ALA A 285 1.31 28.16 -2.81
CA ALA A 285 1.79 28.57 -4.14
C ALA A 285 1.22 29.90 -4.64
N GLN A 286 -0.06 30.14 -4.38
CA GLN A 286 -0.67 31.42 -4.77
C GLN A 286 -0.87 32.35 -3.56
N SER A 287 -0.13 32.12 -2.48
CA SER A 287 -0.32 32.90 -1.24
C SER A 287 0.60 34.10 -1.18
N GLN A 288 0.10 35.18 -0.59
CA GLN A 288 0.83 36.43 -0.46
C GLN A 288 1.81 36.35 0.71
N ARG A 289 1.32 35.87 1.84
CA ARG A 289 2.13 35.59 3.02
C ARG A 289 2.43 34.08 3.01
N ARG A 290 3.69 33.71 3.11
CA ARG A 290 4.06 32.29 3.11
C ARG A 290 4.97 31.98 4.29
N GLU A 291 4.38 31.34 5.28
CA GLU A 291 5.04 31.11 6.56
C GLU A 291 4.71 29.70 7.03
N LEU A 292 5.73 28.94 7.37
CA LEU A 292 5.55 27.57 7.82
C LEU A 292 6.14 27.45 9.21
N VAL A 293 5.32 27.00 10.14
CA VAL A 293 5.77 26.87 11.52
C VAL A 293 5.65 25.43 11.98
N VAL A 294 6.72 24.91 12.57
CA VAL A 294 6.71 23.58 13.18
C VAL A 294 7.01 23.72 14.68
N THR A 295 6.21 23.05 15.50
CA THR A 295 6.29 23.19 16.95
C THR A 295 6.01 21.87 17.67
N ASN A 296 6.78 21.59 18.72
CA ASN A 296 6.47 20.43 19.54
C ASN A 296 6.17 20.88 20.96
N THR A 297 5.24 20.17 21.60
CA THR A 297 4.84 20.50 22.96
C THR A 297 4.55 19.20 23.70
N PRO A 298 4.66 19.23 25.05
CA PRO A 298 4.19 18.08 25.84
C PRO A 298 2.67 17.93 25.70
N ALA A 299 2.16 16.70 25.76
CA ALA A 299 0.71 16.47 25.74
C ALA A 299 0.32 15.37 26.73
N ALA A 300 -0.99 15.17 26.89
CA ALA A 300 -1.53 14.21 27.86
C ALA A 300 -0.99 12.79 27.68
N ASP A 301 -1.01 12.01 28.76
CA ASP A 301 -0.63 10.60 28.74
C ASP A 301 0.79 10.34 28.22
N ASP A 302 1.72 11.23 28.59
CA ASP A 302 3.12 11.13 28.21
C ASP A 302 3.31 11.01 26.70
N MSE A 303 2.63 11.90 25.98
CA MSE A 303 2.80 12.03 24.54
C MSE A 303 3.48 13.33 24.27
O MSE A 303 3.64 14.18 25.15
CB MSE A 303 1.44 12.03 23.83
CG MSE A 303 0.54 10.85 24.19
SE MSE A 303 1.16 9.14 23.49
CE MSE A 303 0.80 9.51 21.62
N ILE A 304 3.87 13.50 23.01
CA ILE A 304 4.40 14.76 22.56
C ILE A 304 3.67 15.10 21.28
N GLU A 305 3.22 16.34 21.20
CA GLU A 305 2.44 16.75 20.05
C GLU A 305 3.29 17.60 19.10
N VAL A 306 3.22 17.28 17.82
CA VAL A 306 3.91 18.04 16.79
C VAL A 306 2.88 18.81 15.96
N GLU A 307 3.12 20.10 15.76
CA GLU A 307 2.19 20.93 15.03
C GLU A 307 2.89 21.44 13.78
N VAL A 308 2.19 21.39 12.64
CA VAL A 308 2.71 21.97 11.41
C VAL A 308 1.67 22.92 10.82
N SER A 309 1.97 24.22 10.83
CA SER A 309 1.02 25.21 10.36
C SER A 309 1.52 25.99 9.16
N ASP A 310 0.60 26.31 8.25
CA ASP A 310 0.95 27.09 7.07
C ASP A 310 0.00 28.26 6.86
N THR A 311 0.34 29.14 5.93
CA THR A 311 -0.53 30.25 5.58
C THR A 311 -1.12 30.06 4.17
N GLY A 312 -1.37 28.81 3.79
CA GLY A 312 -1.82 28.51 2.44
C GLY A 312 -3.31 28.66 2.22
N SER A 313 -3.80 28.11 1.11
CA SER A 313 -5.21 28.22 0.75
C SER A 313 -6.17 27.58 1.78
N GLY A 314 -5.66 26.69 2.62
CA GLY A 314 -6.42 26.17 3.74
C GLY A 314 -7.55 25.24 3.35
N PHE A 315 -8.57 25.20 4.21
CA PHE A 315 -9.66 24.23 4.11
C PHE A 315 -11.03 24.89 3.95
N GLN A 316 -11.72 24.60 2.85
CA GLN A 316 -13.13 24.96 2.76
C GLN A 316 -13.97 24.19 3.81
N ASP A 317 -15.15 24.72 4.13
CA ASP A 317 -15.94 24.20 5.26
C ASP A 317 -16.34 22.73 5.18
N ASP A 318 -16.63 22.25 3.97
CA ASP A 318 -17.04 20.86 3.77
C ASP A 318 -15.87 19.88 3.79
N VAL A 319 -14.66 20.42 3.70
CA VAL A 319 -13.47 19.60 3.42
C VAL A 319 -12.94 18.83 4.62
N ILE A 320 -12.80 19.51 5.75
CA ILE A 320 -12.12 18.94 6.92
C ILE A 320 -12.45 17.48 7.27
N PRO A 321 -13.75 17.11 7.33
CA PRO A 321 -13.96 15.70 7.71
C PRO A 321 -13.63 14.66 6.63
N ASN A 322 -13.25 15.11 5.43
CA ASN A 322 -12.80 14.20 4.37
C ASN A 322 -11.28 14.04 4.24
N LEU A 323 -10.53 14.99 4.79
CA LEU A 323 -9.06 15.07 4.62
C LEU A 323 -8.32 13.74 4.66
N PHE A 324 -8.69 12.90 5.62
CA PHE A 324 -7.94 11.68 5.87
C PHE A 324 -8.52 10.47 5.16
N GLN A 325 -9.64 10.66 4.48
CA GLN A 325 -10.26 9.57 3.73
C GLN A 325 -9.40 9.17 2.53
N THR A 326 -9.20 7.86 2.37
CA THR A 326 -8.43 7.32 1.28
C THR A 326 -9.02 7.77 -0.06
N PHE A 327 -8.15 8.31 -0.92
CA PHE A 327 -8.48 8.80 -2.25
C PHE A 327 -9.16 10.17 -2.25
N PHE A 328 -9.37 10.75 -1.07
CA PHE A 328 -9.94 12.08 -1.10
C PHE A 328 -8.86 13.09 -1.45
N THR A 329 -9.12 13.88 -2.49
CA THR A 329 -8.23 14.95 -2.92
C THR A 329 -9.01 16.12 -3.48
N THR A 330 -8.44 17.32 -3.42
CA THR A 330 -9.05 18.46 -4.09
C THR A 330 -8.25 18.85 -5.34
N LYS A 331 -7.20 18.09 -5.64
CA LYS A 331 -6.29 18.44 -6.73
C LYS A 331 -6.59 17.66 -8.00
N ASP A 332 -6.41 18.31 -9.16
CA ASP A 332 -6.63 17.68 -10.46
C ASP A 332 -5.73 16.46 -10.66
N THR A 333 -4.51 16.55 -10.15
CA THR A 333 -3.55 15.46 -10.26
C THR A 333 -3.32 14.74 -8.91
N GLY A 334 -4.23 14.94 -7.96
CA GLY A 334 -4.08 14.31 -6.65
C GLY A 334 -4.37 12.81 -6.61
N MSE A 335 -3.72 12.11 -5.67
CA MSE A 335 -3.96 10.69 -5.42
C MSE A 335 -4.93 10.57 -4.26
O MSE A 335 -5.79 9.72 -4.23
CB MSE A 335 -2.69 9.99 -4.95
CG MSE A 335 -1.46 10.16 -5.81
SE MSE A 335 -1.41 8.68 -7.01
CE MSE A 335 -2.55 9.40 -8.43
N GLY A 336 -4.71 11.45 -3.27
CA GLY A 336 -5.51 11.44 -2.08
C GLY A 336 -5.15 10.32 -1.12
N VAL A 337 -3.92 9.82 -1.19
CA VAL A 337 -3.51 8.78 -0.24
C VAL A 337 -2.59 9.26 0.89
N GLY A 338 -1.88 10.36 0.67
CA GLY A 338 -0.86 10.84 1.61
C GLY A 338 -1.34 10.93 3.06
N LEU A 339 -2.42 11.66 3.27
CA LEU A 339 -2.93 11.85 4.64
C LEU A 339 -3.48 10.56 5.23
N SER A 340 -4.06 9.71 4.38
CA SER A 340 -4.60 8.45 4.86
C SER A 340 -3.48 7.54 5.35
N ILE A 341 -2.42 7.44 4.56
CA ILE A 341 -1.23 6.70 4.97
C ILE A 341 -0.57 7.29 6.22
N SER A 342 -0.42 8.62 6.28
CA SER A 342 0.17 9.26 7.47
C SER A 342 -0.59 8.94 8.76
N ARG A 343 -1.92 9.06 8.73
CA ARG A 343 -2.70 8.77 9.93
C ARG A 343 -2.53 7.30 10.39
N SER A 344 -2.46 6.37 9.46
CA SER A 344 -2.26 4.97 9.87
C SER A 344 -0.87 4.78 10.53
N ILE A 345 0.13 5.50 10.06
CA ILE A 345 1.48 5.42 10.64
C ILE A 345 1.45 5.96 12.06
N ILE A 346 0.83 7.12 12.22
CA ILE A 346 0.70 7.75 13.52
C ILE A 346 -0.11 6.88 14.49
N GLU A 347 -1.21 6.30 14.03
CA GLU A 347 -1.99 5.47 14.94
C GLU A 347 -1.23 4.19 15.30
N ALA A 348 -0.44 3.65 14.38
CA ALA A 348 0.40 2.48 14.68
C ALA A 348 1.50 2.81 15.71
N HIS A 349 1.91 4.07 15.77
CA HIS A 349 2.84 4.49 16.82
C HIS A 349 2.16 4.82 18.14
N GLY A 350 0.84 4.64 18.21
CA GLY A 350 0.10 4.87 19.45
C GLY A 350 -0.47 6.27 19.62
N GLY A 351 -0.35 7.11 18.58
CA GLY A 351 -0.83 8.48 18.65
C GLY A 351 -2.06 8.79 17.81
N ARG A 352 -2.37 10.07 17.68
CA ARG A 352 -3.48 10.54 16.85
C ARG A 352 -2.99 11.60 15.87
N MSE A 353 -3.70 11.74 14.76
CA MSE A 353 -3.38 12.80 13.83
C MSE A 353 -4.65 13.50 13.40
O MSE A 353 -5.64 12.85 13.10
CB MSE A 353 -2.67 12.22 12.60
CG MSE A 353 -2.18 13.30 11.65
SE MSE A 353 -1.16 12.54 10.19
CE MSE A 353 -0.60 14.20 9.26
N TRP A 354 -4.62 14.83 13.38
CA TRP A 354 -5.82 15.58 13.02
C TRP A 354 -5.51 16.95 12.42
N ALA A 355 -6.53 17.64 11.94
CA ALA A 355 -6.31 18.88 11.21
C ALA A 355 -7.30 19.93 11.66
N GLU A 356 -6.97 21.20 11.41
CA GLU A 356 -7.89 22.29 11.70
C GLU A 356 -7.53 23.50 10.87
N SER A 357 -8.50 24.36 10.64
CA SER A 357 -8.22 25.65 10.02
C SER A 357 -7.53 26.51 11.05
N ASN A 358 -6.57 27.32 10.63
CA ASN A 358 -5.97 28.27 11.57
C ASN A 358 -6.41 29.70 11.28
N ALA A 359 -6.01 30.63 12.15
CA ALA A 359 -6.49 32.00 12.07
C ALA A 359 -6.01 32.78 10.84
N SER A 360 -5.04 32.24 10.10
CA SER A 360 -4.55 32.97 8.94
C SER A 360 -5.26 32.48 7.68
N GLY A 361 -6.19 31.56 7.86
CA GLY A 361 -6.94 31.01 6.75
C GLY A 361 -6.26 29.82 6.12
N GLY A 362 -5.12 29.43 6.71
CA GLY A 362 -4.37 28.28 6.24
C GLY A 362 -4.72 27.01 7.01
N ALA A 363 -3.78 26.07 6.98
CA ALA A 363 -4.03 24.75 7.54
C ALA A 363 -3.04 24.43 8.65
N THR A 364 -3.53 23.78 9.69
CA THR A 364 -2.68 23.28 10.77
C THR A 364 -2.89 21.78 10.94
N PHE A 365 -1.82 21.02 10.86
CA PHE A 365 -1.90 19.59 11.16
C PHE A 365 -1.20 19.27 12.47
N ARG A 366 -1.78 18.38 13.27
CA ARG A 366 -1.14 17.96 14.51
C ARG A 366 -1.08 16.44 14.57
N PHE A 367 -0.02 15.93 15.18
CA PHE A 367 0.01 14.52 15.56
C PHE A 367 0.73 14.32 16.89
N THR A 368 0.48 13.18 17.52
CA THR A 368 1.12 12.85 18.79
C THR A 368 1.93 11.56 18.67
N LEU A 369 3.01 11.48 19.45
CA LEU A 369 3.82 10.26 19.59
C LEU A 369 4.18 10.06 21.06
N PRO A 370 4.42 8.81 21.47
CA PRO A 370 4.82 8.60 22.88
C PRO A 370 6.19 9.17 23.18
N ALA A 371 6.32 9.80 24.34
CA ALA A 371 7.58 10.31 24.80
C ALA A 371 8.45 9.15 25.22
N ALA A 372 9.77 9.28 25.01
CA ALA A 372 10.72 8.32 25.56
C ALA A 372 11.41 8.89 26.80
N ASP A 373 12.47 8.21 27.26
CA ASP A 373 13.35 8.73 28.32
C ASP A 373 14.82 8.61 27.91
N ALA B 2 -50.38 -36.47 27.55
CA ALA B 2 -49.72 -36.43 26.23
C ALA B 2 -49.84 -35.06 25.54
N SER B 3 -48.76 -34.65 24.89
CA SER B 3 -48.69 -33.33 24.28
C SER B 3 -48.33 -33.36 22.78
N PHE B 4 -49.00 -32.50 22.02
CA PHE B 4 -48.83 -32.42 20.56
C PHE B 4 -47.60 -31.62 20.13
N GLN B 5 -46.66 -32.28 19.47
CA GLN B 5 -45.57 -31.56 18.79
C GLN B 5 -44.81 -30.59 19.72
N SER B 6 -44.83 -29.30 19.38
CA SER B 6 -44.12 -28.26 20.15
C SER B 6 -44.56 -28.12 21.61
N PHE B 7 -45.81 -28.46 21.86
CA PHE B 7 -46.37 -28.40 23.21
C PHE B 7 -45.78 -29.48 24.12
N GLY B 8 -45.07 -30.45 23.54
CA GLY B 8 -44.52 -31.55 24.31
C GLY B 8 -43.04 -31.42 24.56
N ILE B 9 -42.55 -32.03 25.63
CA ILE B 9 -41.12 -32.10 25.90
C ILE B 9 -40.29 -32.82 24.83
N PRO B 10 -40.68 -34.07 24.49
CA PRO B 10 -39.84 -34.76 23.51
C PRO B 10 -39.80 -34.06 22.15
N GLY B 11 -40.90 -33.44 21.75
CA GLY B 11 -40.93 -32.67 20.52
C GLY B 11 -39.96 -31.50 20.60
N GLN B 12 -39.97 -30.81 21.74
CA GLN B 12 -39.07 -29.69 21.98
C GLN B 12 -37.59 -30.08 21.93
N LEU B 13 -37.28 -31.20 22.58
CA LEU B 13 -35.92 -31.73 22.62
C LEU B 13 -35.43 -31.94 21.19
N GLU B 14 -36.21 -32.65 20.40
CA GLU B 14 -35.88 -32.90 19.00
C GLU B 14 -35.66 -31.62 18.19
N VAL B 15 -36.52 -30.62 18.41
CA VAL B 15 -36.44 -29.36 17.67
C VAL B 15 -35.12 -28.63 17.99
N ILE B 16 -34.79 -28.56 19.28
CA ILE B 16 -33.58 -27.89 19.77
C ILE B 16 -32.32 -28.68 19.38
N LYS B 17 -32.43 -29.99 19.40
CA LYS B 17 -31.35 -30.87 18.93
C LYS B 17 -31.03 -30.58 17.47
N LYS B 18 -32.08 -30.48 16.65
CA LYS B 18 -31.87 -30.21 15.24
C LYS B 18 -31.30 -28.82 15.05
N ALA B 19 -31.85 -27.84 15.78
CA ALA B 19 -31.35 -26.46 15.70
C ALA B 19 -29.84 -26.41 15.95
N LEU B 20 -29.39 -27.04 17.05
CA LEU B 20 -27.98 -27.08 17.39
C LEU B 20 -27.13 -27.69 16.28
N ASP B 21 -27.67 -28.70 15.59
CA ASP B 21 -26.93 -29.28 14.47
C ASP B 21 -26.81 -28.36 13.27
N HIS B 22 -27.54 -27.24 13.28
CA HIS B 22 -27.44 -26.30 12.17
C HIS B 22 -26.49 -25.14 12.50
N VAL B 23 -26.09 -25.06 13.76
CA VAL B 23 -25.06 -24.14 14.20
C VAL B 23 -23.72 -24.64 13.66
N ARG B 24 -23.04 -23.82 12.86
CA ARG B 24 -21.83 -24.26 12.17
C ARG B 24 -20.58 -24.20 13.06
N VAL B 25 -20.69 -23.45 14.15
CA VAL B 25 -19.66 -23.39 15.17
C VAL B 25 -19.55 -24.74 15.86
N GLY B 26 -18.40 -25.02 16.47
CA GLY B 26 -18.26 -26.25 17.21
C GLY B 26 -18.91 -26.13 18.58
N VAL B 27 -19.72 -27.12 18.96
CA VAL B 27 -20.32 -27.13 20.29
C VAL B 27 -20.10 -28.48 20.97
N VAL B 28 -19.37 -28.48 22.09
CA VAL B 28 -19.24 -29.69 22.92
C VAL B 28 -19.68 -29.45 24.37
N ILE B 29 -20.31 -30.46 24.95
CA ILE B 29 -20.61 -30.44 26.38
C ILE B 29 -19.88 -31.60 27.07
N THR B 30 -19.15 -31.28 28.14
CA THR B 30 -18.42 -32.30 28.89
C THR B 30 -19.02 -32.47 30.30
N ASP B 31 -18.75 -33.61 30.93
CA ASP B 31 -19.33 -33.94 32.24
C ASP B 31 -18.22 -34.20 33.26
N PRO B 32 -17.87 -33.19 34.07
CA PRO B 32 -16.72 -33.25 34.98
C PRO B 32 -16.94 -34.15 36.18
N ALA B 33 -18.18 -34.58 36.41
CA ALA B 33 -18.46 -35.55 37.46
C ALA B 33 -17.97 -36.94 37.04
N LEU B 34 -17.81 -37.14 35.73
CA LEU B 34 -17.26 -38.38 35.20
C LEU B 34 -15.73 -38.30 35.08
N GLU B 35 -15.08 -39.46 35.15
CA GLU B 35 -13.63 -39.53 35.11
C GLU B 35 -13.01 -38.86 33.88
N ASP B 36 -12.06 -37.96 34.13
CA ASP B 36 -11.35 -37.23 33.08
C ASP B 36 -12.23 -36.33 32.19
N ASN B 37 -13.41 -35.97 32.70
CA ASN B 37 -14.22 -34.94 32.07
C ASN B 37 -14.52 -35.17 30.59
N PRO B 38 -15.15 -36.32 30.27
CA PRO B 38 -15.37 -36.70 28.86
C PRO B 38 -16.44 -35.85 28.17
N ILE B 39 -16.38 -35.82 26.84
CA ILE B 39 -17.40 -35.17 26.04
C ILE B 39 -18.66 -36.05 26.02
N VAL B 40 -19.81 -35.49 26.39
CA VAL B 40 -21.08 -36.24 26.36
C VAL B 40 -22.05 -35.70 25.31
N TYR B 41 -21.71 -34.56 24.71
CA TYR B 41 -22.50 -34.04 23.58
C TYR B 41 -21.60 -33.31 22.60
N VAL B 42 -21.87 -33.49 21.31
CA VAL B 42 -21.14 -32.77 20.26
C VAL B 42 -22.06 -32.51 19.07
N ASN B 43 -21.99 -31.31 18.49
CA ASN B 43 -22.88 -31.01 17.35
C ASN B 43 -22.22 -31.34 16.02
N GLN B 44 -23.01 -31.22 14.96
CA GLN B 44 -22.51 -31.47 13.60
C GLN B 44 -21.45 -30.45 13.17
N GLY B 45 -21.52 -29.25 13.74
CA GLY B 45 -20.55 -28.22 13.48
C GLY B 45 -19.14 -28.66 13.83
N PHE B 46 -18.99 -29.24 15.02
CA PHE B 46 -17.70 -29.78 15.48
C PHE B 46 -17.25 -30.94 14.60
N VAL B 47 -18.18 -31.78 14.20
CA VAL B 47 -17.90 -32.89 13.28
C VAL B 47 -17.29 -32.34 11.97
N GLN B 48 -17.97 -31.37 11.37
CA GLN B 48 -17.49 -30.73 10.14
C GLN B 48 -16.13 -30.06 10.32
N MSE B 49 -15.95 -29.37 11.44
CA MSE B 49 -14.70 -28.64 11.70
CA MSE B 49 -14.71 -28.65 11.71
C MSE B 49 -13.49 -29.56 11.84
O MSE B 49 -12.42 -29.29 11.28
CB MSE B 49 -14.85 -27.78 12.96
CB MSE B 49 -14.84 -27.83 13.00
CG MSE B 49 -13.58 -27.04 13.38
CG MSE B 49 -14.86 -26.33 12.79
SE MSE B 49 -13.90 -25.89 14.94
SE MSE B 49 -15.22 -25.42 14.46
CE MSE B 49 -15.58 -25.12 14.32
CE MSE B 49 -13.62 -25.98 15.42
N THR B 50 -13.67 -30.67 12.57
CA THR B 50 -12.53 -31.52 12.94
C THR B 50 -12.28 -32.72 12.03
N GLY B 51 -13.31 -33.14 11.29
CA GLY B 51 -13.20 -34.31 10.46
C GLY B 51 -13.52 -35.62 11.18
N TYR B 52 -13.67 -35.56 12.50
CA TYR B 52 -14.06 -36.74 13.29
C TYR B 52 -15.57 -36.93 13.32
N GLU B 53 -16.01 -38.19 13.27
CA GLU B 53 -17.43 -38.51 13.43
C GLU B 53 -17.81 -38.49 14.91
N THR B 54 -19.11 -38.37 15.17
CA THR B 54 -19.63 -38.25 16.54
C THR B 54 -19.09 -39.38 17.43
N GLU B 55 -19.14 -40.60 16.90
CA GLU B 55 -18.66 -41.78 17.61
C GLU B 55 -17.18 -41.72 17.99
N GLU B 56 -16.41 -40.90 17.29
CA GLU B 56 -14.98 -40.78 17.55
C GLU B 56 -14.69 -39.62 18.52
N ILE B 57 -15.75 -38.95 18.95
CA ILE B 57 -15.61 -37.78 19.79
C ILE B 57 -16.17 -38.05 21.20
N LEU B 58 -17.42 -38.50 21.25
CA LEU B 58 -18.08 -38.81 22.52
C LEU B 58 -17.23 -39.71 23.41
N GLY B 59 -17.15 -39.39 24.69
CA GLY B 59 -16.40 -40.24 25.60
C GLY B 59 -14.94 -39.88 25.75
N LYS B 60 -14.45 -39.00 24.88
CA LYS B 60 -13.05 -38.56 24.95
C LYS B 60 -12.91 -37.24 25.68
N ASN B 61 -11.73 -37.02 26.25
CA ASN B 61 -11.38 -35.68 26.69
C ASN B 61 -11.01 -34.85 25.45
N CYS B 62 -11.44 -33.60 25.38
CA CYS B 62 -11.24 -32.80 24.17
CA CYS B 62 -11.23 -32.78 24.17
C CYS B 62 -9.77 -32.50 23.85
N ARG B 63 -8.86 -32.90 24.72
CA ARG B 63 -7.45 -32.62 24.44
C ARG B 63 -6.93 -33.48 23.30
N PHE B 64 -7.73 -34.45 22.86
CA PHE B 64 -7.32 -35.33 21.76
C PHE B 64 -7.11 -34.57 20.44
N LEU B 65 -7.61 -33.34 20.37
CA LEU B 65 -7.38 -32.49 19.20
C LEU B 65 -5.98 -31.86 19.21
N GLN B 66 -5.34 -31.85 20.38
CA GLN B 66 -4.02 -31.25 20.54
C GLN B 66 -2.94 -32.12 19.89
N GLY B 67 -1.75 -31.57 19.70
CA GLY B 67 -0.67 -32.32 19.10
C GLY B 67 0.67 -31.61 19.11
N LYS B 68 1.36 -31.63 17.97
CA LYS B 68 2.76 -31.20 17.88
C LYS B 68 3.04 -29.78 18.34
N HIS B 69 2.38 -28.79 17.73
CA HIS B 69 2.69 -27.40 18.04
C HIS B 69 1.64 -26.69 18.90
N THR B 70 0.92 -27.47 19.69
CA THR B 70 -0.01 -26.90 20.66
C THR B 70 0.81 -26.26 21.79
N ASP B 71 0.45 -25.03 22.16
CA ASP B 71 1.18 -24.32 23.22
C ASP B 71 0.80 -24.81 24.63
N PRO B 72 1.77 -25.44 25.33
CA PRO B 72 1.55 -25.99 26.66
C PRO B 72 1.21 -24.91 27.68
N ALA B 73 1.59 -23.67 27.38
CA ALA B 73 1.25 -22.54 28.24
C ALA B 73 -0.26 -22.35 28.21
N GLU B 74 -0.82 -22.25 27.00
CA GLU B 74 -2.25 -22.04 26.84
C GLU B 74 -3.07 -23.28 27.24
N VAL B 75 -2.45 -24.46 27.18
CA VAL B 75 -3.09 -25.67 27.70
C VAL B 75 -3.22 -25.57 29.21
N ASP B 76 -2.14 -25.18 29.87
CA ASP B 76 -2.12 -25.01 31.31
C ASP B 76 -3.13 -23.95 31.76
N ASN B 77 -3.31 -22.90 30.95
CA ASN B 77 -4.27 -21.86 31.27
C ASN B 77 -5.70 -22.40 31.32
N ILE B 78 -6.02 -23.29 30.39
CA ILE B 78 -7.31 -23.95 30.39
C ILE B 78 -7.48 -24.81 31.65
N ARG B 79 -6.52 -25.70 31.87
CA ARG B 79 -6.56 -26.63 33.00
C ARG B 79 -6.80 -25.91 34.32
N THR B 80 -6.08 -24.82 34.55
CA THR B 80 -6.25 -24.02 35.76
C THR B 80 -7.66 -23.45 35.85
N ALA B 81 -8.09 -22.78 34.78
CA ALA B 81 -9.41 -22.14 34.74
C ALA B 81 -10.56 -23.10 35.04
N LEU B 82 -10.44 -24.35 34.58
CA LEU B 82 -11.49 -25.34 34.79
C LEU B 82 -11.55 -25.81 36.24
N GLN B 83 -10.38 -25.97 36.85
CA GLN B 83 -10.28 -26.37 38.25
C GLN B 83 -10.93 -25.34 39.18
N ASN B 84 -10.94 -24.09 38.75
CA ASN B 84 -11.57 -23.02 39.53
C ASN B 84 -12.97 -22.65 39.01
N LYS B 85 -13.50 -23.50 38.14
CA LYS B 85 -14.78 -23.27 37.45
C LYS B 85 -14.89 -21.84 36.92
N GLU B 86 -13.92 -21.46 36.10
CA GLU B 86 -13.89 -20.13 35.51
C GLU B 86 -14.06 -20.21 34.00
N PRO B 87 -14.73 -19.20 33.41
CA PRO B 87 -14.74 -19.09 31.95
C PRO B 87 -13.33 -18.90 31.44
N VAL B 88 -13.06 -19.34 30.21
CA VAL B 88 -11.75 -19.12 29.63
C VAL B 88 -11.82 -19.10 28.11
N THR B 89 -11.03 -18.20 27.51
CA THR B 89 -10.84 -18.18 26.06
C THR B 89 -9.35 -18.27 25.76
N VAL B 90 -8.99 -19.23 24.93
CA VAL B 90 -7.63 -19.30 24.38
C VAL B 90 -7.74 -19.46 22.87
N GLN B 91 -6.68 -19.06 22.18
CA GLN B 91 -6.52 -19.41 20.78
C GLN B 91 -5.44 -20.47 20.75
N ILE B 92 -5.80 -21.66 20.32
CA ILE B 92 -4.92 -22.80 20.47
C ILE B 92 -4.78 -23.58 19.16
N GLN B 93 -3.66 -24.28 19.02
CA GLN B 93 -3.44 -25.10 17.83
C GLN B 93 -4.00 -26.49 18.05
N ASN B 94 -4.88 -26.89 17.15
CA ASN B 94 -5.47 -28.22 17.18
C ASN B 94 -5.25 -28.89 15.83
N TYR B 95 -5.52 -30.18 15.75
CA TYR B 95 -5.31 -30.93 14.53
C TYR B 95 -6.53 -31.75 14.15
N LYS B 96 -6.90 -31.69 12.87
CA LYS B 96 -8.02 -32.45 12.36
C LYS B 96 -7.68 -33.93 12.26
N LYS B 97 -8.68 -34.73 11.85
CA LYS B 97 -8.51 -36.16 11.73
C LYS B 97 -7.41 -36.50 10.71
N ASP B 98 -7.35 -35.74 9.61
CA ASP B 98 -6.35 -36.00 8.58
C ASP B 98 -4.97 -35.42 8.90
N GLY B 99 -4.85 -34.76 10.06
CA GLY B 99 -3.58 -34.22 10.51
C GLY B 99 -3.41 -32.74 10.23
N THR B 100 -4.32 -32.18 9.43
CA THR B 100 -4.25 -30.75 9.12
C THR B 100 -4.32 -29.91 10.39
N MSE B 101 -3.45 -28.91 10.46
CA MSE B 101 -3.48 -27.98 11.58
C MSE B 101 -4.57 -26.96 11.35
O MSE B 101 -4.80 -26.49 10.23
CB MSE B 101 -2.11 -27.29 11.72
CG MSE B 101 -1.85 -26.57 13.05
SE MSE B 101 -2.67 -24.79 13.20
CE MSE B 101 -2.49 -24.25 11.34
N PHE B 102 -5.30 -26.63 12.40
CA PHE B 102 -6.22 -25.51 12.35
C PHE B 102 -6.13 -24.69 13.63
N TRP B 103 -6.47 -23.40 13.53
CA TRP B 103 -6.47 -22.52 14.69
C TRP B 103 -7.84 -22.53 15.34
N ASN B 104 -7.87 -22.93 16.60
CA ASN B 104 -9.13 -23.06 17.31
C ASN B 104 -9.27 -21.95 18.33
N GLU B 105 -10.23 -21.05 18.13
CA GLU B 105 -10.56 -20.09 19.17
C GLU B 105 -11.60 -20.77 20.07
N LEU B 106 -11.19 -21.01 21.32
CA LEU B 106 -11.99 -21.82 22.22
C LEU B 106 -12.64 -20.99 23.34
N ASN B 107 -13.98 -21.01 23.42
CA ASN B 107 -14.70 -20.39 24.52
C ASN B 107 -15.31 -21.46 25.43
N ILE B 108 -14.82 -21.53 26.66
CA ILE B 108 -15.31 -22.51 27.63
C ILE B 108 -15.97 -21.84 28.84
N ASP B 109 -17.20 -22.26 29.14
CA ASP B 109 -17.93 -21.77 30.30
C ASP B 109 -18.48 -22.94 31.10
N PRO B 110 -18.55 -22.79 32.43
CA PRO B 110 -19.31 -23.71 33.28
C PRO B 110 -20.82 -23.43 33.17
N MSE B 111 -21.63 -24.48 33.25
CA MSE B 111 -23.08 -24.32 33.31
C MSE B 111 -23.59 -25.06 34.53
O MSE B 111 -23.09 -26.14 34.85
CB MSE B 111 -23.77 -24.94 32.10
CG MSE B 111 -23.25 -24.55 30.72
SE MSE B 111 -24.52 -25.15 29.35
CE MSE B 111 -24.41 -27.06 29.63
N GLU B 112 -24.58 -24.50 35.21
CA GLU B 112 -25.28 -25.24 36.24
C GLU B 112 -26.66 -25.59 35.71
N ILE B 113 -26.95 -26.88 35.63
CA ILE B 113 -28.30 -27.34 35.39
C ILE B 113 -28.74 -27.99 36.70
N GLU B 114 -29.71 -27.38 37.37
CA GLU B 114 -30.01 -27.72 38.76
C GLU B 114 -28.75 -27.56 39.61
N ASP B 115 -28.27 -28.66 40.18
CA ASP B 115 -27.11 -28.64 41.07
C ASP B 115 -25.88 -29.28 40.44
N LYS B 116 -25.99 -29.62 39.15
CA LYS B 116 -24.90 -30.29 38.45
C LYS B 116 -24.12 -29.32 37.58
N THR B 117 -22.79 -29.38 37.70
CA THR B 117 -21.94 -28.59 36.82
C THR B 117 -21.72 -29.32 35.51
N TYR B 118 -21.88 -28.60 34.39
CA TYR B 118 -21.44 -29.08 33.09
C TYR B 118 -20.45 -28.05 32.57
N PHE B 119 -19.66 -28.45 31.57
CA PHE B 119 -18.87 -27.49 30.81
C PHE B 119 -19.35 -27.42 29.37
N VAL B 120 -19.52 -26.20 28.87
CA VAL B 120 -19.85 -26.03 27.47
C VAL B 120 -18.66 -25.37 26.79
N GLY B 121 -18.29 -25.91 25.63
CA GLY B 121 -17.17 -25.39 24.87
C GLY B 121 -17.64 -24.98 23.50
N ILE B 122 -17.30 -23.75 23.12
CA ILE B 122 -17.61 -23.26 21.78
C ILE B 122 -16.30 -23.14 20.98
N GLN B 123 -16.24 -23.80 19.84
CA GLN B 123 -15.02 -23.79 19.02
C GLN B 123 -15.20 -23.09 17.68
N ASN B 124 -14.21 -22.28 17.32
CA ASN B 124 -14.23 -21.56 16.05
C ASN B 124 -12.90 -21.73 15.35
N ASP B 125 -12.93 -22.25 14.13
CA ASP B 125 -11.74 -22.32 13.31
C ASP B 125 -11.47 -20.92 12.72
N ILE B 126 -10.40 -20.29 13.19
CA ILE B 126 -10.10 -18.91 12.79
C ILE B 126 -8.82 -18.86 11.96
N THR B 127 -8.43 -20.01 11.41
CA THR B 127 -7.23 -20.12 10.62
C THR B 127 -7.24 -19.12 9.48
N GLU B 128 -8.35 -19.05 8.75
CA GLU B 128 -8.42 -18.13 7.63
C GLU B 128 -8.42 -16.67 8.10
N HIS B 129 -9.01 -16.43 9.26
CA HIS B 129 -9.04 -15.09 9.84
C HIS B 129 -7.61 -14.62 10.16
N GLN B 130 -6.81 -15.52 10.73
CA GLN B 130 -5.43 -15.20 11.05
C GLN B 130 -4.63 -14.91 9.78
N GLN B 131 -4.92 -15.65 8.71
CA GLN B 131 -4.21 -15.45 7.44
C GLN B 131 -4.56 -14.10 6.81
N THR B 132 -5.83 -13.72 6.89
CA THR B 132 -6.29 -12.46 6.36
C THR B 132 -5.62 -11.33 7.12
N GLN B 133 -5.51 -11.49 8.44
CA GLN B 133 -4.82 -10.51 9.27
C GLN B 133 -3.35 -10.35 8.92
N ALA B 134 -2.67 -11.47 8.65
CA ALA B 134 -1.27 -11.43 8.29
C ALA B 134 -1.10 -10.73 6.95
N ARG B 135 -2.01 -11.02 6.02
CA ARG B 135 -1.97 -10.44 4.68
C ARG B 135 -2.20 -8.92 4.74
N LEU B 136 -3.13 -8.51 5.60
CA LEU B 136 -3.45 -7.12 5.82
C LEU B 136 -2.23 -6.35 6.32
N GLN B 137 -1.52 -6.95 7.26
CA GLN B 137 -0.31 -6.33 7.78
C GLN B 137 0.82 -6.27 6.73
N GLU B 138 0.96 -7.29 5.89
CA GLU B 138 1.93 -7.23 4.79
C GLU B 138 1.63 -6.09 3.81
N LEU B 139 0.35 -5.94 3.43
CA LEU B 139 -0.04 -4.91 2.48
C LEU B 139 0.16 -3.52 3.08
N GLN B 140 -0.18 -3.35 4.36
CA GLN B 140 0.00 -2.07 5.01
C GLN B 140 1.46 -1.67 5.04
N SER B 141 2.29 -2.64 5.39
CA SER B 141 3.72 -2.41 5.48
C SER B 141 4.30 -2.12 4.08
N GLU B 142 3.83 -2.85 3.08
CA GLU B 142 4.27 -2.62 1.72
C GLU B 142 3.87 -1.22 1.24
N LEU B 143 2.65 -0.81 1.55
CA LEU B 143 2.18 0.52 1.18
C LEU B 143 3.01 1.64 1.82
N VAL B 144 3.32 1.52 3.11
CA VAL B 144 4.12 2.51 3.81
C VAL B 144 5.48 2.72 3.13
N HIS B 145 6.12 1.63 2.73
CA HIS B 145 7.38 1.71 1.99
C HIS B 145 7.21 2.35 0.60
N VAL B 146 6.27 1.82 -0.18
CA VAL B 146 6.06 2.25 -1.56
C VAL B 146 5.69 3.75 -1.63
N SER B 147 5.02 4.18 -0.57
CA SER B 147 4.59 5.53 -0.36
C SER B 147 5.79 6.51 -0.28
N ARG B 148 6.92 6.07 0.28
CA ARG B 148 8.12 6.92 0.35
C ARG B 148 8.68 7.07 -1.06
N LEU B 149 8.75 5.97 -1.79
CA LEU B 149 9.11 6.03 -3.19
C LEU B 149 8.24 7.01 -3.98
N SER B 150 6.92 6.95 -3.79
CA SER B 150 6.05 7.80 -4.59
C SER B 150 6.11 9.27 -4.16
N ALA B 151 6.45 9.52 -2.90
CA ALA B 151 6.65 10.89 -2.44
C ALA B 151 7.85 11.46 -3.20
N MSE B 152 8.89 10.65 -3.36
CA MSE B 152 10.09 11.08 -4.05
C MSE B 152 9.83 11.24 -5.54
O MSE B 152 10.34 12.17 -6.17
CB MSE B 152 11.23 10.12 -3.80
CG MSE B 152 11.68 10.13 -2.35
SE MSE B 152 12.39 11.90 -1.77
CE MSE B 152 10.81 12.70 -0.90
N GLY B 153 8.98 10.37 -6.09
CA GLY B 153 8.59 10.46 -7.48
C GLY B 153 7.85 11.77 -7.77
N GLU B 154 6.97 12.17 -6.86
CA GLU B 154 6.28 13.44 -6.97
C GLU B 154 7.26 14.63 -6.94
N MSE B 155 8.43 14.44 -6.35
CA MSE B 155 9.41 15.51 -6.20
C MSE B 155 10.53 15.44 -7.23
O MSE B 155 11.56 16.09 -7.03
CB MSE B 155 10.13 15.35 -4.86
CG MSE B 155 9.39 15.76 -3.66
SE MSE B 155 10.81 15.82 -2.30
CE MSE B 155 11.79 17.39 -3.04
N ALA B 156 10.34 14.63 -8.26
CA ALA B 156 11.41 14.38 -9.23
C ALA B 156 12.06 15.67 -9.72
N SER B 157 11.25 16.60 -10.19
CA SER B 157 11.74 17.86 -10.75
C SER B 157 12.48 18.74 -9.72
N ALA B 158 11.94 18.80 -8.51
CA ALA B 158 12.59 19.57 -7.44
C ALA B 158 13.92 18.94 -7.04
N LEU B 159 13.99 17.61 -7.12
CA LEU B 159 15.24 16.90 -6.84
C LEU B 159 16.29 17.23 -7.89
N ALA B 160 15.88 17.32 -9.16
CA ALA B 160 16.78 17.70 -10.24
C ALA B 160 17.32 19.10 -9.98
N HIS B 161 16.44 19.99 -9.55
CA HIS B 161 16.83 21.38 -9.29
C HIS B 161 17.84 21.41 -8.13
N GLU B 162 17.56 20.63 -7.09
CA GLU B 162 18.47 20.53 -5.94
C GLU B 162 19.86 20.05 -6.36
N LEU B 163 19.90 19.00 -7.18
CA LEU B 163 21.17 18.42 -7.55
C LEU B 163 21.95 19.29 -8.53
N ASN B 164 21.23 19.97 -9.41
CA ASN B 164 21.83 20.86 -10.42
C ASN B 164 22.68 21.99 -9.84
N GLN B 165 22.34 22.44 -8.64
CA GLN B 165 23.01 23.59 -8.08
C GLN B 165 24.48 23.33 -7.68
N PRO B 166 24.74 22.31 -6.84
CA PRO B 166 26.14 22.05 -6.52
C PRO B 166 26.97 21.64 -7.74
N LEU B 167 26.39 20.88 -8.67
CA LEU B 167 27.06 20.54 -9.93
C LEU B 167 27.42 21.78 -10.73
N ALA B 168 26.48 22.71 -10.88
CA ALA B 168 26.77 23.94 -11.63
C ALA B 168 27.85 24.74 -10.94
N ALA B 169 27.85 24.71 -9.61
CA ALA B 169 28.85 25.44 -8.84
C ALA B 169 30.25 24.85 -9.09
N ILE B 170 30.32 23.52 -9.05
CA ILE B 170 31.56 22.80 -9.32
C ILE B 170 32.15 23.15 -10.69
N SER B 171 31.30 23.14 -11.73
CA SER B 171 31.73 23.49 -13.08
C SER B 171 32.28 24.90 -13.15
N ASN B 172 31.60 25.84 -12.52
CA ASN B 172 32.07 27.22 -12.49
C ASN B 172 33.38 27.37 -11.71
N TYR B 173 33.51 26.68 -10.58
CA TYR B 173 34.76 26.73 -9.82
C TYR B 173 35.92 26.25 -10.67
N MSE B 174 35.69 25.23 -11.46
CA MSE B 174 36.80 24.73 -12.26
C MSE B 174 37.04 25.47 -13.56
O MSE B 174 38.16 25.48 -14.07
CB MSE B 174 36.65 23.26 -12.44
CG MSE B 174 36.87 22.59 -11.11
SE MSE B 174 36.94 20.77 -11.49
CE MSE B 174 35.38 20.66 -12.67
N LYS B 175 36.01 26.14 -14.07
CA LYS B 175 36.21 27.04 -15.19
C LYS B 175 37.03 28.22 -14.69
N GLY B 176 36.68 28.73 -13.51
CA GLY B 176 37.41 29.86 -12.93
C GLY B 176 38.86 29.53 -12.64
N SER B 177 39.08 28.29 -12.19
CA SER B 177 40.44 27.82 -11.88
C SER B 177 41.33 27.79 -13.11
N ARG B 178 40.78 27.37 -14.24
CA ARG B 178 41.54 27.30 -15.48
C ARG B 178 42.02 28.68 -15.96
N ARG B 179 41.19 29.70 -15.78
CA ARG B 179 41.60 31.06 -16.11
C ARG B 179 42.76 31.49 -15.22
N LEU B 180 42.69 31.11 -13.94
CA LEU B 180 43.73 31.43 -12.98
C LEU B 180 45.05 30.72 -13.33
N LEU B 181 44.94 29.52 -13.89
CA LEU B 181 46.12 28.75 -14.28
C LEU B 181 46.76 29.26 -15.57
N ALA B 182 45.97 29.97 -16.38
CA ALA B 182 46.42 30.47 -17.68
C ALA B 182 47.69 31.31 -17.57
N GLY B 183 48.77 30.83 -18.20
CA GLY B 183 50.02 31.56 -18.21
C GLY B 183 50.83 31.36 -16.94
N SER B 184 50.62 30.22 -16.28
CA SER B 184 51.50 29.79 -15.21
C SER B 184 52.74 29.19 -15.89
N SER B 185 53.92 29.43 -15.34
CA SER B 185 55.10 28.86 -15.96
C SER B 185 55.54 27.58 -15.26
N ASP B 186 54.76 27.18 -14.25
CA ASP B 186 55.01 25.94 -13.53
C ASP B 186 54.74 24.75 -14.46
N PRO B 187 55.70 23.82 -14.57
CA PRO B 187 55.63 22.70 -15.51
C PRO B 187 54.53 21.66 -15.20
N ASN B 188 53.98 21.69 -13.99
CA ASN B 188 52.87 20.81 -13.66
C ASN B 188 51.52 21.38 -14.12
N THR B 189 51.53 22.63 -14.59
CA THR B 189 50.28 23.30 -14.94
C THR B 189 49.44 22.54 -15.98
N PRO B 190 50.07 22.07 -17.09
CA PRO B 190 49.23 21.35 -18.06
C PRO B 190 48.62 20.06 -17.52
N LYS B 191 49.35 19.37 -16.63
CA LYS B 191 48.79 18.21 -15.95
C LYS B 191 47.60 18.60 -15.06
N VAL B 192 47.68 19.78 -14.44
CA VAL B 192 46.58 20.28 -13.64
C VAL B 192 45.40 20.63 -14.54
N GLU B 193 45.66 21.43 -15.57
CA GLU B 193 44.65 21.82 -16.55
C GLU B 193 43.93 20.59 -17.16
N SER B 194 44.72 19.56 -17.51
CA SER B 194 44.17 18.33 -18.05
C SER B 194 43.24 17.63 -17.06
N ALA B 195 43.64 17.56 -15.79
CA ALA B 195 42.77 17.01 -14.75
C ALA B 195 41.52 17.87 -14.55
N LEU B 196 41.66 19.19 -14.57
CA LEU B 196 40.49 20.06 -14.42
C LEU B 196 39.50 19.85 -15.56
N ASP B 197 40.02 19.64 -16.76
CA ASP B 197 39.16 19.40 -17.92
C ASP B 197 38.46 18.05 -17.87
N ARG B 198 39.16 17.02 -17.39
CA ARG B 198 38.52 15.71 -17.26
C ARG B 198 37.40 15.85 -16.25
N ALA B 199 37.64 16.64 -15.22
CA ALA B 199 36.66 16.88 -14.18
C ALA B 199 35.47 17.69 -14.70
N ALA B 200 35.74 18.62 -15.62
CA ALA B 200 34.68 19.41 -16.24
C ALA B 200 33.75 18.51 -17.04
N GLU B 201 34.34 17.58 -17.78
CA GLU B 201 33.60 16.56 -18.51
C GLU B 201 32.72 15.71 -17.58
N GLN B 202 33.28 15.27 -16.46
CA GLN B 202 32.50 14.48 -15.50
C GLN B 202 31.34 15.28 -14.90
N ALA B 203 31.55 16.58 -14.74
CA ALA B 203 30.50 17.48 -14.26
C ALA B 203 29.35 17.53 -15.27
N LEU B 204 29.68 17.58 -16.56
CA LEU B 204 28.66 17.58 -17.61
C LEU B 204 27.93 16.25 -17.68
N ARG B 205 28.67 15.15 -17.55
CA ARG B 205 28.09 13.82 -17.48
C ARG B 205 27.07 13.79 -16.34
N ALA B 206 27.48 14.29 -15.17
CA ALA B 206 26.58 14.38 -14.01
C ALA B 206 25.27 15.13 -14.32
N GLY B 207 25.39 16.25 -15.03
CA GLY B 207 24.23 17.03 -15.46
C GLY B 207 23.30 16.30 -16.42
N GLN B 208 23.87 15.53 -17.35
CA GLN B 208 23.08 14.68 -18.23
C GLN B 208 22.31 13.65 -17.41
N ILE B 209 22.94 13.09 -16.39
CA ILE B 209 22.28 12.07 -15.59
C ILE B 209 21.12 12.71 -14.82
N ILE B 210 21.38 13.86 -14.20
CA ILE B 210 20.37 14.60 -13.43
C ILE B 210 19.15 14.96 -14.28
N ARG B 211 19.41 15.43 -15.51
CA ARG B 211 18.35 15.82 -16.42
C ARG B 211 17.33 14.68 -16.62
N ARG B 212 17.77 13.43 -16.50
CA ARG B 212 16.86 12.32 -16.77
C ARG B 212 15.75 12.21 -15.73
N LEU B 213 15.96 12.84 -14.59
CA LEU B 213 14.94 12.87 -13.54
C LEU B 213 13.63 13.48 -14.05
N ARG B 214 13.71 14.34 -15.05
CA ARG B 214 12.52 15.02 -15.57
C ARG B 214 11.88 14.33 -16.78
N ASP B 215 12.39 13.14 -17.11
CA ASP B 215 11.90 12.37 -18.26
C ASP B 215 10.36 12.22 -18.31
N PHE B 216 9.74 12.03 -17.17
CA PHE B 216 8.30 11.71 -17.12
C PHE B 216 7.49 12.63 -16.23
N VAL B 217 8.01 13.82 -16.01
CA VAL B 217 7.31 14.80 -15.19
C VAL B 217 6.11 15.41 -15.94
N ALA B 218 4.94 15.35 -15.30
CA ALA B 218 3.69 15.82 -15.90
C ALA B 218 3.66 17.33 -16.18
N GLY B 220 0.24 17.96 -14.85
CA GLY B 220 -0.73 17.97 -15.93
C GLY B 220 -1.56 16.71 -16.01
N GLU B 221 -2.86 16.87 -16.29
CA GLU B 221 -3.77 15.75 -16.52
C GLU B 221 -3.64 15.25 -17.95
N SER B 222 -3.65 13.93 -18.13
CA SER B 222 -3.53 13.34 -19.45
C SER B 222 -4.89 13.10 -20.14
N GLU B 223 -4.95 13.40 -21.43
CA GLU B 223 -6.11 13.02 -22.23
C GLU B 223 -5.73 12.67 -23.68
N LYS B 224 -6.30 11.57 -24.17
CA LYS B 224 -5.98 11.06 -25.49
C LYS B 224 -6.70 11.84 -26.58
N ARG B 225 -6.00 12.06 -27.69
CA ARG B 225 -6.59 12.74 -28.84
C ARG B 225 -6.04 12.10 -30.11
N VAL B 226 -6.62 12.44 -31.26
CA VAL B 226 -6.03 12.10 -32.54
C VAL B 226 -4.75 12.95 -32.70
N GLU B 227 -3.63 12.29 -32.95
CA GLU B 227 -2.34 12.99 -33.08
C GLU B 227 -1.58 12.45 -34.28
N SER B 228 -0.69 13.27 -34.81
CA SER B 228 0.19 12.86 -35.90
C SER B 228 1.48 12.28 -35.34
N LEU B 229 1.79 11.02 -35.70
CA LEU B 229 3.04 10.39 -35.28
C LEU B 229 4.26 11.17 -35.76
N SER B 230 4.19 11.65 -37.00
CA SER B 230 5.32 12.38 -37.58
C SER B 230 5.58 13.69 -36.85
N LYS B 231 4.51 14.37 -36.44
CA LYS B 231 4.66 15.57 -35.62
C LYS B 231 5.24 15.23 -34.25
N LEU B 232 4.75 14.16 -33.62
CA LEU B 232 5.28 13.73 -32.34
C LEU B 232 6.76 13.41 -32.43
N ILE B 233 7.12 12.66 -33.47
CA ILE B 233 8.50 12.23 -33.67
C ILE B 233 9.40 13.46 -33.89
N GLU B 234 8.93 14.40 -34.69
CA GLU B 234 9.64 15.64 -34.96
C GLU B 234 9.90 16.46 -33.69
N GLU B 235 8.86 16.66 -32.88
CA GLU B 235 9.03 17.41 -31.64
C GLU B 235 9.97 16.71 -30.65
N ALA B 236 9.83 15.38 -30.53
CA ALA B 236 10.69 14.60 -29.66
C ALA B 236 12.14 14.58 -30.18
N GLY B 237 12.29 14.68 -31.50
CA GLY B 237 13.61 14.76 -32.11
C GLY B 237 14.32 16.02 -31.67
N ALA B 238 13.61 17.14 -31.72
CA ALA B 238 14.19 18.44 -31.39
C ALA B 238 14.67 18.50 -29.96
N LEU B 239 13.94 17.81 -29.07
CA LEU B 239 14.35 17.79 -27.67
C LEU B 239 15.42 16.73 -27.41
N GLY B 240 15.18 15.50 -27.85
CA GLY B 240 16.01 14.36 -27.47
C GLY B 240 17.22 14.07 -28.33
N LEU B 241 17.21 14.55 -29.58
CA LEU B 241 18.29 14.28 -30.52
C LEU B 241 19.14 15.52 -30.80
N ALA B 242 18.94 16.57 -30.02
CA ALA B 242 19.82 17.73 -30.12
C ALA B 242 21.17 17.30 -29.52
N GLY B 243 22.17 17.13 -30.37
CA GLY B 243 23.43 16.58 -29.91
C GLY B 243 23.91 15.47 -30.84
N ALA B 244 22.97 14.90 -31.59
CA ALA B 244 23.28 13.86 -32.57
C ALA B 244 24.30 14.33 -33.61
N ARG B 245 24.25 15.60 -33.99
CA ARG B 245 25.20 16.10 -34.98
C ARG B 245 26.60 16.11 -34.39
N GLU B 246 26.72 16.69 -33.21
CA GLU B 246 28.00 16.75 -32.52
C GLU B 246 28.57 15.36 -32.20
N GLN B 247 27.69 14.41 -31.91
CA GLN B 247 28.13 13.04 -31.65
C GLN B 247 28.37 12.28 -32.94
N ASN B 248 28.10 12.91 -34.08
CA ASN B 248 28.16 12.25 -35.38
C ASN B 248 27.30 11.00 -35.50
N VAL B 249 26.09 11.08 -34.94
CA VAL B 249 25.09 10.04 -35.10
C VAL B 249 24.27 10.35 -36.37
N GLN B 250 24.21 9.39 -37.29
CA GLN B 250 23.40 9.56 -38.48
C GLN B 250 21.94 9.20 -38.19
N LEU B 251 21.02 10.10 -38.56
CA LEU B 251 19.59 9.89 -38.34
C LEU B 251 18.89 9.49 -39.65
N ARG B 252 18.21 8.35 -39.62
CA ARG B 252 17.53 7.81 -40.80
C ARG B 252 16.08 7.55 -40.45
N PHE B 253 15.20 8.46 -40.88
CA PHE B 253 13.79 8.39 -40.49
C PHE B 253 12.92 7.99 -41.67
N SER B 254 12.37 6.79 -41.62
CA SER B 254 11.51 6.31 -42.69
C SER B 254 10.07 6.30 -42.22
N LEU B 255 9.48 7.49 -42.19
CA LEU B 255 8.11 7.65 -41.71
C LEU B 255 7.09 7.42 -42.82
N ASP B 256 5.98 6.80 -42.46
CA ASP B 256 4.93 6.47 -43.41
C ASP B 256 3.76 7.45 -43.25
N PRO B 257 3.65 8.43 -44.16
CA PRO B 257 2.42 9.25 -44.20
C PRO B 257 1.29 8.28 -44.51
N GLY B 258 0.15 8.39 -43.86
CA GLY B 258 -0.90 7.40 -44.11
C GLY B 258 -0.70 6.12 -43.32
N ALA B 259 0.08 6.22 -42.25
CA ALA B 259 0.15 5.24 -41.19
C ALA B 259 0.58 6.13 -40.04
N ASP B 260 0.04 7.34 -40.07
CA ASP B 260 0.52 8.46 -39.26
C ASP B 260 -0.38 8.83 -38.07
N LEU B 261 -1.69 8.69 -38.20
CA LEU B 261 -2.59 9.17 -37.13
C LEU B 261 -2.83 8.12 -36.06
N VAL B 262 -2.63 8.50 -34.81
CA VAL B 262 -2.84 7.60 -33.68
C VAL B 262 -3.72 8.26 -32.63
N LEU B 263 -4.30 7.45 -31.75
CA LEU B 263 -5.01 7.97 -30.58
C LEU B 263 -4.07 8.03 -29.38
N ALA B 264 -3.65 9.23 -28.98
CA ALA B 264 -2.57 9.34 -28.00
C ALA B 264 -2.60 10.60 -27.14
N ASP B 265 -1.98 10.50 -25.97
CA ASP B 265 -1.65 11.70 -25.20
C ASP B 265 -0.30 12.21 -25.68
N ARG B 266 -0.36 13.36 -26.37
CA ARG B 266 0.75 14.02 -27.02
C ARG B 266 1.99 14.10 -26.10
N VAL B 267 1.77 14.54 -24.87
CA VAL B 267 2.87 14.75 -23.94
C VAL B 267 3.54 13.44 -23.52
N GLN B 268 2.74 12.46 -23.11
CA GLN B 268 3.29 11.17 -22.71
C GLN B 268 4.04 10.48 -23.83
N ILE B 269 3.48 10.53 -25.05
CA ILE B 269 4.11 9.83 -26.16
C ILE B 269 5.42 10.51 -26.53
N GLN B 270 5.43 11.84 -26.53
CA GLN B 270 6.70 12.57 -26.67
C GLN B 270 7.70 12.15 -25.58
N GLN B 271 7.24 11.93 -24.35
CA GLN B 271 8.14 11.48 -23.29
C GLN B 271 8.74 10.11 -23.58
N VAL B 272 7.91 9.18 -24.03
CA VAL B 272 8.40 7.86 -24.42
C VAL B 272 9.48 7.98 -25.51
N LEU B 273 9.21 8.77 -26.54
CA LEU B 273 10.15 8.96 -27.65
C LEU B 273 11.45 9.65 -27.22
N VAL B 274 11.33 10.70 -26.43
CA VAL B 274 12.53 11.41 -25.95
C VAL B 274 13.42 10.47 -25.12
N ASN B 275 12.79 9.67 -24.25
CA ASN B 275 13.48 8.65 -23.47
C ASN B 275 14.22 7.64 -24.36
N LEU B 276 13.55 7.11 -25.38
CA LEU B 276 14.20 6.18 -26.31
C LEU B 276 15.38 6.85 -27.05
N PHE B 277 15.16 8.09 -27.49
CA PHE B 277 16.17 8.83 -28.24
C PHE B 277 17.40 9.11 -27.39
N ARG B 278 17.19 9.55 -26.15
CA ARG B 278 18.31 9.80 -25.24
C ARG B 278 19.06 8.51 -24.90
N ASN B 279 18.33 7.44 -24.61
CA ASN B 279 18.98 6.15 -24.32
C ASN B 279 19.83 5.70 -25.51
N ALA B 280 19.34 5.95 -26.71
CA ALA B 280 20.05 5.54 -27.91
C ALA B 280 21.35 6.32 -28.08
N LEU B 281 21.32 7.63 -27.85
CA LEU B 281 22.55 8.42 -27.88
C LEU B 281 23.57 7.93 -26.86
N GLU B 282 23.14 7.73 -25.62
CA GLU B 282 24.05 7.25 -24.58
C GLU B 282 24.62 5.89 -24.96
N ALA B 283 23.78 5.05 -25.56
CA ALA B 283 24.21 3.70 -25.94
C ALA B 283 25.24 3.70 -27.07
N MSE B 284 25.28 4.79 -27.84
CA MSE B 284 26.16 4.86 -29.00
C MSE B 284 27.40 5.73 -28.79
O MSE B 284 28.21 5.89 -29.71
CB MSE B 284 25.41 5.35 -30.23
CG MSE B 284 24.54 4.29 -30.86
SE MSE B 284 23.67 5.00 -32.48
CE MSE B 284 22.36 6.22 -31.61
N ALA B 285 27.53 6.31 -27.61
CA ALA B 285 28.78 6.94 -27.23
C ALA B 285 29.79 5.79 -27.18
N GLN B 286 31.07 6.08 -27.42
CA GLN B 286 32.09 5.03 -27.43
C GLN B 286 31.78 3.90 -28.43
N SER B 287 30.98 4.20 -29.45
CA SER B 287 30.60 3.17 -30.41
C SER B 287 31.13 3.46 -31.82
N GLN B 288 31.15 2.40 -32.62
CA GLN B 288 31.77 2.40 -33.94
C GLN B 288 30.88 3.02 -35.02
N ARG B 289 29.93 2.22 -35.51
CA ARG B 289 28.89 2.68 -36.40
C ARG B 289 27.91 3.44 -35.51
N ARG B 290 27.49 4.62 -35.94
CA ARG B 290 26.49 5.37 -35.17
C ARG B 290 25.29 5.70 -36.06
N GLU B 291 24.27 4.86 -35.98
CA GLU B 291 23.10 5.02 -36.86
C GLU B 291 21.82 4.81 -36.08
N LEU B 292 20.89 5.77 -36.21
CA LEU B 292 19.59 5.68 -35.55
C LEU B 292 18.47 5.59 -36.58
N VAL B 293 17.69 4.53 -36.50
CA VAL B 293 16.58 4.33 -37.42
C VAL B 293 15.24 4.41 -36.69
N VAL B 294 14.34 5.25 -37.23
CA VAL B 294 12.98 5.37 -36.73
C VAL B 294 12.02 5.10 -37.87
N THR B 295 11.13 4.11 -37.69
CA THR B 295 10.10 3.87 -38.68
C THR B 295 8.76 3.65 -37.98
N ASN B 296 7.68 3.90 -38.71
CA ASN B 296 6.32 3.61 -38.25
C ASN B 296 5.62 2.78 -39.33
N THR B 297 4.76 1.87 -38.90
CA THR B 297 4.25 0.81 -39.77
C THR B 297 2.92 0.28 -39.24
N PRO B 298 1.95 0.03 -40.14
CA PRO B 298 0.68 -0.57 -39.72
C PRO B 298 0.88 -1.92 -39.05
N ALA B 299 0.12 -2.18 -37.98
CA ALA B 299 0.18 -3.47 -37.30
C ALA B 299 -1.22 -4.04 -37.04
N ALA B 300 -1.25 -5.31 -36.62
CA ALA B 300 -2.49 -6.05 -36.37
C ALA B 300 -3.35 -5.43 -35.27
N ASP B 301 -4.65 -5.73 -35.30
CA ASP B 301 -5.63 -5.23 -34.33
C ASP B 301 -5.75 -3.70 -34.35
N ASP B 302 -5.62 -3.12 -35.54
CA ASP B 302 -5.81 -1.68 -35.76
C ASP B 302 -4.77 -0.81 -35.06
N MSE B 303 -3.54 -1.27 -35.04
CA MSE B 303 -2.47 -0.57 -34.34
C MSE B 303 -1.47 0.03 -35.32
O MSE B 303 -1.38 -0.37 -36.49
CB MSE B 303 -1.75 -1.51 -33.37
CG MSE B 303 -2.66 -2.30 -32.43
SE MSE B 303 -3.58 -1.19 -31.12
CE MSE B 303 -2.05 -0.78 -30.00
N ILE B 304 -0.71 0.99 -34.83
CA ILE B 304 0.48 1.42 -35.54
C ILE B 304 1.71 1.11 -34.69
N GLU B 305 2.75 0.58 -35.33
CA GLU B 305 3.94 0.14 -34.63
C GLU B 305 5.09 1.07 -34.97
N VAL B 306 5.80 1.52 -33.93
CA VAL B 306 6.94 2.39 -34.10
C VAL B 306 8.21 1.65 -33.71
N GLU B 307 9.26 1.80 -34.52
CA GLU B 307 10.54 1.17 -34.23
C GLU B 307 11.62 2.24 -34.02
N VAL B 308 12.43 2.05 -32.98
CA VAL B 308 13.59 2.90 -32.73
C VAL B 308 14.80 2.00 -32.54
N SER B 309 15.69 2.00 -33.52
CA SER B 309 16.84 1.11 -33.55
C SER B 309 18.14 1.91 -33.54
N ASP B 310 19.10 1.47 -32.72
CA ASP B 310 20.42 2.09 -32.68
C ASP B 310 21.50 1.06 -32.96
N THR B 311 22.72 1.53 -33.15
CA THR B 311 23.89 0.67 -33.34
C THR B 311 24.81 0.73 -32.12
N GLY B 312 24.20 0.89 -30.95
CA GLY B 312 24.96 1.02 -29.70
C GLY B 312 25.42 -0.29 -29.10
N SER B 313 25.88 -0.25 -27.85
CA SER B 313 26.50 -1.42 -27.21
C SER B 313 25.49 -2.39 -26.58
N GLY B 314 24.20 -2.11 -26.76
CA GLY B 314 23.17 -3.05 -26.32
C GLY B 314 22.49 -2.69 -25.01
N PHE B 315 21.42 -3.40 -24.68
CA PHE B 315 20.58 -3.04 -23.55
C PHE B 315 20.77 -3.97 -22.34
N GLN B 316 21.75 -4.85 -22.43
CA GLN B 316 21.91 -5.91 -21.43
C GLN B 316 22.13 -5.41 -19.99
N ASP B 317 22.56 -4.17 -19.82
CA ASP B 317 22.72 -3.62 -18.46
C ASP B 317 21.40 -3.12 -17.87
N ASP B 318 20.38 -2.98 -18.70
CA ASP B 318 19.15 -2.32 -18.28
C ASP B 318 17.91 -3.18 -18.53
N VAL B 319 18.05 -4.17 -19.41
CA VAL B 319 16.90 -4.94 -19.84
C VAL B 319 17.24 -6.42 -20.01
N ILE B 320 16.33 -7.29 -19.58
CA ILE B 320 16.45 -8.71 -19.87
C ILE B 320 15.29 -9.17 -20.74
N PRO B 321 15.57 -9.44 -22.02
CA PRO B 321 14.49 -9.90 -22.91
C PRO B 321 14.25 -11.40 -22.72
N ASN B 322 13.01 -11.85 -22.92
CA ASN B 322 12.73 -13.28 -22.87
C ASN B 322 13.22 -13.94 -24.15
N LEU B 323 13.27 -15.27 -24.15
CA LEU B 323 13.77 -16.03 -25.30
C LEU B 323 13.11 -15.62 -26.61
N PHE B 324 11.82 -15.31 -26.57
CA PHE B 324 11.10 -15.01 -27.81
C PHE B 324 11.14 -13.53 -28.19
N GLN B 325 11.74 -12.71 -27.31
CA GLN B 325 11.85 -11.27 -27.54
C GLN B 325 10.48 -10.65 -27.74
N THR B 326 9.54 -11.08 -26.92
CA THR B 326 8.19 -10.53 -26.95
C THR B 326 7.93 -9.78 -25.66
N PHE B 327 8.87 -9.87 -24.74
CA PHE B 327 8.70 -9.25 -23.45
C PHE B 327 10.07 -8.93 -22.88
N PHE B 328 10.16 -7.92 -22.01
CA PHE B 328 11.42 -7.66 -21.32
C PHE B 328 11.26 -7.41 -19.83
N THR B 329 12.29 -7.78 -19.08
CA THR B 329 12.30 -7.48 -17.66
C THR B 329 13.33 -6.38 -17.45
N THR B 330 12.92 -5.31 -16.79
CA THR B 330 13.83 -4.19 -16.54
C THR B 330 14.67 -4.42 -15.29
N LYS B 331 15.93 -4.03 -15.36
CA LYS B 331 16.84 -4.12 -14.22
C LYS B 331 16.80 -2.81 -13.41
N ASP B 332 17.46 -2.81 -12.26
CA ASP B 332 17.36 -1.68 -11.32
C ASP B 332 18.33 -0.53 -11.64
N THR B 333 18.27 -0.04 -12.87
CA THR B 333 19.10 1.09 -13.27
C THR B 333 18.18 2.24 -13.62
N GLY B 334 18.75 3.44 -13.71
CA GLY B 334 18.00 4.62 -14.11
C GLY B 334 17.26 4.35 -15.41
N MSE B 335 17.96 3.76 -16.37
CA MSE B 335 17.36 3.51 -17.65
C MSE B 335 16.34 2.37 -17.59
O MSE B 335 15.26 2.45 -18.17
CB MSE B 335 18.45 3.22 -18.70
CG MSE B 335 17.91 2.72 -20.05
SE MSE B 335 19.30 2.45 -21.43
CE MSE B 335 18.31 1.19 -22.59
N GLY B 336 16.68 1.30 -16.87
CA GLY B 336 15.78 0.18 -16.72
C GLY B 336 14.43 0.63 -16.14
N VAL B 337 14.46 1.43 -15.08
CA VAL B 337 13.21 1.90 -14.50
C VAL B 337 12.46 2.84 -15.45
N GLY B 338 13.21 3.69 -16.16
CA GLY B 338 12.62 4.54 -17.19
C GLY B 338 11.90 3.73 -18.25
N LEU B 339 12.47 2.61 -18.67
CA LEU B 339 11.83 1.79 -19.70
C LEU B 339 10.54 1.20 -19.15
N SER B 340 10.54 0.86 -17.88
CA SER B 340 9.34 0.29 -17.31
C SER B 340 8.25 1.35 -17.19
N ILE B 341 8.63 2.61 -16.94
CA ILE B 341 7.63 3.68 -16.95
C ILE B 341 7.08 3.88 -18.38
N SER B 342 7.98 3.90 -19.37
CA SER B 342 7.56 4.02 -20.77
C SER B 342 6.60 2.92 -21.14
N ARG B 343 6.94 1.68 -20.79
CA ARG B 343 6.07 0.56 -21.12
C ARG B 343 4.70 0.74 -20.46
N SER B 344 4.69 1.25 -19.23
CA SER B 344 3.43 1.45 -18.52
C SER B 344 2.56 2.52 -19.20
N ILE B 345 3.20 3.50 -19.80
CA ILE B 345 2.50 4.54 -20.53
C ILE B 345 1.86 3.97 -21.81
N ILE B 346 2.65 3.23 -22.58
CA ILE B 346 2.16 2.53 -23.75
C ILE B 346 0.98 1.58 -23.44
N GLU B 347 1.11 0.78 -22.40
CA GLU B 347 0.05 -0.17 -22.06
C GLU B 347 -1.19 0.59 -21.61
N ALA B 348 -1.02 1.74 -20.95
CA ALA B 348 -2.19 2.55 -20.64
C ALA B 348 -2.84 3.14 -21.92
N HIS B 349 -2.08 3.21 -23.00
CA HIS B 349 -2.64 3.61 -24.31
C HIS B 349 -3.23 2.44 -25.06
N GLY B 350 -3.22 1.25 -24.46
CA GLY B 350 -3.74 0.07 -25.14
C GLY B 350 -2.72 -0.71 -25.95
N GLY B 351 -1.47 -0.28 -25.96
CA GLY B 351 -0.45 -0.90 -26.79
C GLY B 351 0.51 -1.81 -26.04
N ARG B 352 1.53 -2.29 -26.73
CA ARG B 352 2.60 -3.08 -26.13
C ARG B 352 3.94 -2.43 -26.46
N MSE B 353 4.92 -2.62 -25.60
CA MSE B 353 6.29 -2.23 -25.90
C MSE B 353 7.20 -3.44 -25.74
O MSE B 353 7.07 -4.20 -24.77
CB MSE B 353 6.73 -1.15 -24.94
CG MSE B 353 8.16 -0.72 -25.17
SE MSE B 353 8.56 0.93 -24.14
CE MSE B 353 10.48 0.99 -24.52
N TRP B 354 8.15 -3.61 -26.65
CA TRP B 354 9.11 -4.69 -26.46
C TRP B 354 10.49 -4.39 -27.05
N ALA B 355 11.40 -5.34 -26.87
CA ALA B 355 12.81 -5.09 -27.16
C ALA B 355 13.42 -6.28 -27.84
N GLU B 356 14.21 -6.00 -28.87
CA GLU B 356 14.86 -7.03 -29.66
C GLU B 356 16.32 -6.64 -29.79
N SER B 357 17.18 -7.62 -29.96
CA SER B 357 18.54 -7.37 -30.36
C SER B 357 18.53 -7.17 -31.87
N ASN B 358 19.51 -6.45 -32.40
CA ASN B 358 19.66 -6.33 -33.86
C ASN B 358 21.06 -6.74 -34.34
N ALA B 359 21.28 -6.73 -35.65
CA ALA B 359 22.52 -7.28 -36.21
C ALA B 359 23.77 -6.48 -35.86
N SER B 360 23.58 -5.23 -35.47
CA SER B 360 24.70 -4.36 -35.11
C SER B 360 25.16 -4.65 -33.69
N GLY B 361 24.44 -5.52 -32.99
CA GLY B 361 24.68 -5.73 -31.58
C GLY B 361 24.15 -4.57 -30.75
N GLY B 362 23.24 -3.80 -31.35
CA GLY B 362 22.62 -2.66 -30.68
C GLY B 362 21.23 -2.99 -30.17
N ALA B 363 20.42 -1.97 -29.96
CA ALA B 363 19.08 -2.19 -29.43
C ALA B 363 17.97 -1.75 -30.40
N THR B 364 16.91 -2.55 -30.46
CA THR B 364 15.72 -2.18 -31.19
C THR B 364 14.55 -2.14 -30.21
N PHE B 365 13.92 -0.99 -30.06
CA PHE B 365 12.70 -0.93 -29.28
C PHE B 365 11.52 -0.71 -30.21
N ARG B 366 10.42 -1.39 -29.90
CA ARG B 366 9.19 -1.25 -30.66
C ARG B 366 8.01 -1.03 -29.72
N PHE B 367 7.08 -0.18 -30.11
CA PHE B 367 5.83 -0.06 -29.37
C PHE B 367 4.66 0.17 -30.31
N THR B 368 3.45 -0.11 -29.82
CA THR B 368 2.25 0.10 -30.62
C THR B 368 1.31 1.11 -29.96
N LEU B 369 0.57 1.83 -30.79
CA LEU B 369 -0.48 2.73 -30.37
C LEU B 369 -1.70 2.46 -31.25
N PRO B 370 -2.93 2.66 -30.72
CA PRO B 370 -4.09 2.45 -31.60
C PRO B 370 -4.15 3.50 -32.72
N ALA B 371 -4.44 3.03 -33.94
CA ALA B 371 -4.57 3.92 -35.08
C ALA B 371 -5.93 4.62 -35.00
N ALA B 372 -5.96 5.87 -35.46
CA ALA B 372 -7.22 6.61 -35.51
C ALA B 372 -8.11 6.13 -36.65
N ASP B 373 -7.56 5.28 -37.51
CA ASP B 373 -8.30 4.71 -38.66
C ASP B 373 -8.25 3.20 -38.67
N GLU B 374 -9.42 2.59 -38.81
CA GLU B 374 -9.59 1.19 -38.46
C GLU B 374 -8.97 0.17 -39.43
N ASN B 375 -8.65 0.59 -40.65
CA ASN B 375 -7.98 -0.37 -41.53
C ASN B 375 -6.72 0.18 -42.19
N LEU B 376 -5.60 -0.40 -41.81
CA LEU B 376 -4.36 -0.33 -42.55
C LEU B 376 -3.92 -1.78 -42.52
N GLU B 377 -2.76 -2.10 -43.09
CA GLU B 377 -2.20 -3.46 -43.01
C GLU B 377 -2.95 -4.51 -43.85
N HIS B 378 -4.27 -4.32 -44.02
CA HIS B 378 -5.03 -5.06 -45.02
C HIS B 378 -5.11 -4.18 -46.25
N HIS B 379 -4.29 -3.13 -46.25
CA HIS B 379 -4.16 -2.19 -47.35
C HIS B 379 -2.75 -2.28 -47.97
N HIS B 380 -1.81 -2.82 -47.19
CA HIS B 380 -0.38 -2.83 -47.57
C HIS B 380 0.14 -1.42 -47.87
N1 FMN C . -34.97 -11.65 7.74
C2 FMN C . -34.04 -10.72 8.13
O2 FMN C . -34.02 -9.61 7.58
N3 FMN C . -33.14 -11.01 9.12
C4 FMN C . -33.14 -12.25 9.73
O4 FMN C . -32.31 -12.51 10.61
C4A FMN C . -34.08 -13.20 9.35
N5 FMN C . -34.11 -14.44 9.96
C5A FMN C . -35.05 -15.38 9.56
C6 FMN C . -35.07 -16.63 10.18
C7 FMN C . -36.00 -17.59 9.79
C7M FMN C . -35.99 -18.92 10.48
C8 FMN C . -36.93 -17.29 8.80
C8M FMN C . -37.95 -18.31 8.38
C9 FMN C . -36.92 -16.04 8.19
C9A FMN C . -35.97 -15.08 8.56
N10 FMN C . -35.94 -13.82 7.97
C10 FMN C . -34.99 -12.90 8.35
C1' FMN C . -36.89 -13.46 6.86
C2' FMN C . -38.21 -12.78 7.21
O2' FMN C . -38.77 -13.38 8.35
C3' FMN C . -39.09 -12.94 5.97
O3' FMN C . -39.18 -14.31 5.66
C4' FMN C . -38.51 -12.20 4.76
O4' FMN C . -38.55 -10.81 4.99
C5' FMN C . -39.28 -12.51 3.48
O5' FMN C . -40.66 -12.41 3.74
P FMN C . -41.48 -11.04 3.46
O1P FMN C . -41.34 -10.72 1.98
O2P FMN C . -40.87 -9.94 4.30
O3P FMN C . -42.94 -11.20 3.80
PB ADP D . -3.27 14.73 -2.16
O1B ADP D . -2.24 15.77 -1.78
O2B ADP D . -2.79 13.77 -3.22
O3B ADP D . -4.63 15.33 -2.42
PA ADP D . -3.37 14.09 0.68
O1A ADP D . -1.92 14.40 1.05
O2A ADP D . -4.10 12.98 1.38
O3A ADP D . -3.43 13.72 -0.90
O5' ADP D . -4.25 15.41 0.78
C5' ADP D . -5.66 15.28 0.71
C4' ADP D . -6.30 16.66 0.61
O4' ADP D . -6.11 17.38 1.83
C3' ADP D . -5.66 17.56 -0.44
O3' ADP D . -6.13 17.28 -1.76
C2' ADP D . -6.07 18.94 0.03
O2' ADP D . -7.43 19.17 -0.30
C1' ADP D . -6.04 18.78 1.53
N9 ADP D . -4.78 19.26 2.14
C8 ADP D . -3.73 18.51 2.54
N7 ADP D . -2.76 19.29 3.08
C5 ADP D . -3.19 20.57 3.03
C6 ADP D . -2.67 21.90 3.42
N6 ADP D . -1.46 22.02 4.00
N1 ADP D . -3.46 22.96 3.17
C2 ADP D . -4.67 22.84 2.61
N3 ADP D . -5.21 21.68 2.23
C4 ADP D . -4.53 20.54 2.42
S SO4 E . 24.36 3.41 -1.81
O1 SO4 E . 23.26 3.31 -0.85
O2 SO4 E . 24.39 2.17 -2.59
O3 SO4 E . 24.19 4.57 -2.69
O4 SO4 E . 25.62 3.55 -1.10
S SO4 F . -37.36 -21.62 28.33
O1 SO4 F . -38.21 -22.73 27.91
O2 SO4 F . -36.28 -21.42 27.35
O3 SO4 F . -38.13 -20.37 28.42
O4 SO4 F . -36.80 -21.94 29.65
S SO4 G . 15.66 26.15 -1.14
O1 SO4 G . 15.81 24.78 -1.65
O2 SO4 G . 16.95 26.83 -1.08
O3 SO4 G . 14.78 26.95 -1.99
O4 SO4 G . 15.08 26.08 0.21
S SO4 H . -11.83 12.49 10.97
O1 SO4 H . -12.32 11.12 10.81
O2 SO4 H . -10.73 12.72 10.02
O3 SO4 H . -12.90 13.43 10.70
O4 SO4 H . -11.35 12.66 12.34
N1 FMN I . -8.80 -28.49 24.28
C2 FMN I . -8.39 -28.39 22.96
O2 FMN I . -7.20 -28.51 22.70
N3 FMN I . -9.30 -28.17 21.96
C4 FMN I . -10.65 -28.04 22.25
O4 FMN I . -11.47 -27.84 21.34
C4A FMN I . -11.07 -28.14 23.58
N5 FMN I . -12.41 -28.02 23.91
C5A FMN I . -12.82 -28.11 25.23
C6 FMN I . -14.18 -27.98 25.56
C7 FMN I . -14.58 -28.09 26.90
C7M FMN I . -16.03 -27.96 27.26
C8 FMN I . -13.64 -28.33 27.90
C8M FMN I . -14.06 -28.43 29.34
C9 FMN I . -12.29 -28.46 27.56
C9A FMN I . -11.88 -28.35 26.23
N10 FMN I . -10.54 -28.49 25.91
C10 FMN I . -10.14 -28.37 24.59
C1' FMN I . -9.51 -28.69 26.98
C2' FMN I . -9.02 -30.11 27.24
O2' FMN I . -10.13 -30.97 27.41
C3' FMN I . -8.20 -30.04 28.52
O3' FMN I . -8.96 -29.38 29.50
C4' FMN I . -6.87 -29.28 28.37
O4' FMN I . -5.92 -30.01 27.64
C5' FMN I . -6.24 -28.98 29.72
O5' FMN I . -6.25 -30.16 30.51
P FMN I . -4.98 -31.16 30.55
O1P FMN I . -4.83 -31.82 29.20
O2P FMN I . -5.20 -32.21 31.61
O3P FMN I . -3.71 -30.38 30.87
S SO4 J . 17.12 23.64 -13.05
O1 SO4 J . 17.36 22.86 -14.27
O2 SO4 J . 16.84 25.03 -13.41
O3 SO4 J . 15.96 23.13 -12.33
O4 SO4 J . 18.30 23.56 -12.20
S SO4 K . -13.83 -13.74 10.41
O1 SO4 K . -14.02 -14.64 9.27
O2 SO4 K . -12.68 -12.87 10.15
O3 SO4 K . -15.03 -12.92 10.60
O4 SO4 K . -13.58 -14.54 11.61
S SO4 L . 2.40 10.10 -1.46
O1 SO4 L . 1.39 9.05 -1.51
O2 SO4 L . 3.19 10.01 -2.68
O3 SO4 L . 1.77 11.43 -1.38
O4 SO4 L . 3.26 9.87 -0.29
S SO4 M . -7.08 -8.77 -47.06
O1 SO4 M . -6.96 -9.50 -48.33
O2 SO4 M . -6.07 -7.70 -47.02
O3 SO4 M . -8.42 -8.18 -46.94
O4 SO4 M . -6.87 -9.67 -45.94
S SO4 N . -2.35 7.56 -17.42
O1 SO4 N . -2.87 6.47 -16.61
O2 SO4 N . -1.00 7.19 -17.87
O3 SO4 N . -3.21 7.77 -18.58
O4 SO4 N . -2.29 8.78 -16.62
S SO4 O . -12.05 -30.68 35.70
O1 SO4 O . -12.82 -31.91 35.89
O2 SO4 O . -10.86 -30.97 34.90
O3 SO4 O . -12.87 -29.71 34.99
O4 SO4 O . -11.66 -30.14 36.99
#